data_6Y9L
#
_entry.id   6Y9L
#
_cell.length_a   165.992
_cell.length_b   215.878
_cell.length_c   146.368
_cell.angle_alpha   90.000
_cell.angle_beta   90.000
_cell.angle_gamma   90.000
#
_symmetry.space_group_name_H-M   'C 2 2 21'
#
loop_
_entity.id
_entity.type
_entity.pdbx_description
1 polymer Glycoprotein
2 branched beta-D-mannopyranose-(1-4)-2-acetamido-2-deoxy-beta-D-glucopyranose-(1-4)-2-acetamido-2-deoxy-beta-D-glucopyranose
3 branched 2-acetamido-2-deoxy-beta-D-glucopyranose-(1-4)-2-acetamido-2-deoxy-beta-D-glucopyranose
4 non-polymer 2-acetamido-2-deoxy-beta-D-glucopyranose
#
_entity_poly.entity_id   1
_entity_poly.type   'polypeptide(L)'
_entity_poly.pdbx_seq_one_letter_code
;KVEIIRGDHPEVYDDSAENEVPTAASIQRKAILETLTNLMLESQTPGTRQIREEESTIPIFAESTTQKTISVSDLPNNCL
NASSLKCEIKGISTYNVYYQVENNGVIYSCVSDSAEGLEKCDNSLNLPKRFSKVPVIPITKLDNKRHFSVGTKFFISESL
TQDNYPITYNSYPTNGTVSLQTVKLSGDCKITKSNFANPYTVSITSPEKIMGYLIKKPGENVEHKVISFSGSASITFTEE
MLDGEHNLLCGDKSAKIPKTNKRVRDCIIKYSKSIYKQTACINFSWIR
;
_entity_poly.pdbx_strand_id   B,D,A,C
#
# COMPACT_ATOMS: atom_id res chain seq x y z
N ASP A 74 -7.08 -39.86 -22.52
CA ASP A 74 -6.10 -38.81 -22.29
C ASP A 74 -5.25 -39.11 -21.06
N LEU A 75 -4.22 -39.93 -21.26
CA LEU A 75 -3.32 -40.33 -20.18
C LEU A 75 -1.89 -40.19 -20.68
N PRO A 76 -1.30 -39.00 -20.57
CA PRO A 76 0.08 -38.81 -21.04
C PRO A 76 1.11 -39.34 -20.05
N ASN A 77 0.76 -40.39 -19.31
CA ASN A 77 1.71 -40.97 -18.37
C ASN A 77 2.83 -41.72 -19.06
N ASN A 78 2.79 -41.85 -20.39
CA ASN A 78 3.91 -42.47 -21.08
C ASN A 78 5.16 -41.62 -20.93
N CYS A 79 4.99 -40.33 -20.67
CA CYS A 79 6.13 -39.48 -20.37
C CYS A 79 6.63 -39.68 -18.94
N LEU A 80 5.85 -40.33 -18.08
CA LEU A 80 6.33 -40.63 -16.74
C LEU A 80 7.29 -41.80 -16.71
N ASN A 81 7.33 -42.61 -17.77
CA ASN A 81 8.07 -43.87 -17.79
C ASN A 81 9.41 -43.79 -18.51
N ALA A 82 9.91 -42.58 -18.80
CA ALA A 82 11.09 -42.42 -19.63
C ALA A 82 12.28 -43.22 -19.16
N SER A 83 12.24 -43.76 -17.93
CA SER A 83 13.33 -44.58 -17.44
C SER A 83 13.54 -45.81 -18.31
N SER A 84 12.45 -46.38 -18.84
CA SER A 84 12.54 -47.60 -19.64
C SER A 84 12.12 -47.43 -21.10
N LEU A 85 11.47 -46.33 -21.45
CA LEU A 85 11.08 -46.09 -22.83
C LEU A 85 12.15 -45.24 -23.54
N LYS A 86 12.27 -45.44 -24.84
CA LYS A 86 13.29 -44.75 -25.62
C LYS A 86 12.91 -43.28 -25.79
N CYS A 87 13.78 -42.39 -25.32
CA CYS A 87 13.53 -40.96 -25.33
C CYS A 87 14.72 -40.22 -25.91
N GLU A 88 14.44 -39.12 -26.61
CA GLU A 88 15.46 -38.27 -27.18
C GLU A 88 15.34 -36.87 -26.58
N ILE A 89 16.50 -36.29 -26.24
CA ILE A 89 16.56 -34.93 -25.74
C ILE A 89 16.61 -33.98 -26.93
N LYS A 90 15.60 -33.13 -27.05
CA LYS A 90 15.52 -32.16 -28.15
C LYS A 90 16.06 -30.80 -27.76
N GLY A 91 15.74 -30.31 -26.57
CA GLY A 91 16.22 -29.01 -26.12
C GLY A 91 16.34 -28.95 -24.62
N ILE A 92 17.22 -28.08 -24.15
CA ILE A 92 17.52 -27.94 -22.74
C ILE A 92 17.55 -26.45 -22.39
N SER A 93 16.68 -26.04 -21.46
CA SER A 93 16.64 -24.66 -21.00
C SER A 93 17.26 -24.57 -19.60
N THR A 94 17.25 -23.36 -19.06
CA THR A 94 17.77 -23.14 -17.71
C THR A 94 16.76 -23.48 -16.63
N TYR A 95 15.49 -23.70 -16.98
CA TYR A 95 14.46 -23.96 -15.98
C TYR A 95 13.53 -25.12 -16.32
N ASN A 96 13.58 -25.66 -17.54
CA ASN A 96 12.82 -26.86 -17.88
C ASN A 96 13.54 -27.59 -18.99
N VAL A 97 13.01 -28.75 -19.37
CA VAL A 97 13.64 -29.63 -20.35
C VAL A 97 12.58 -30.10 -21.34
N TYR A 98 12.94 -30.10 -22.63
CA TYR A 98 12.06 -30.55 -23.70
C TYR A 98 12.63 -31.83 -24.30
N TYR A 99 11.86 -32.91 -24.23
CA TYR A 99 12.27 -34.21 -24.75
C TYR A 99 11.08 -34.82 -25.47
N GLN A 100 11.21 -36.09 -25.86
CA GLN A 100 10.11 -36.82 -26.47
C GLN A 100 10.36 -38.32 -26.33
N VAL A 101 9.44 -39.03 -25.68
CA VAL A 101 9.56 -40.47 -25.48
C VAL A 101 8.83 -41.20 -26.61
N GLU A 102 8.89 -42.52 -26.59
CA GLU A 102 8.22 -43.34 -27.59
C GLU A 102 7.97 -44.72 -27.00
N ASN A 103 6.71 -45.15 -26.99
CA ASN A 103 6.31 -46.41 -26.37
C ASN A 103 5.97 -47.46 -27.42
N ASN A 104 4.89 -47.26 -28.17
CA ASN A 104 4.39 -48.24 -29.12
C ASN A 104 4.41 -47.68 -30.53
N GLY A 105 5.43 -46.91 -30.86
CA GLY A 105 5.59 -46.37 -32.19
C GLY A 105 4.98 -45.00 -32.41
N VAL A 106 4.67 -44.26 -31.35
CA VAL A 106 4.13 -42.90 -31.45
C VAL A 106 4.92 -42.01 -30.51
N ILE A 107 5.51 -40.95 -31.05
CA ILE A 107 6.34 -40.05 -30.26
C ILE A 107 5.46 -39.19 -29.36
N TYR A 108 5.93 -38.89 -28.16
CA TYR A 108 5.22 -38.08 -27.18
C TYR A 108 6.13 -36.94 -26.73
N SER A 109 5.96 -35.76 -27.31
CA SER A 109 6.73 -34.61 -26.86
C SER A 109 6.22 -34.15 -25.50
N CYS A 110 7.16 -33.91 -24.58
CA CYS A 110 6.80 -33.55 -23.21
C CYS A 110 7.86 -32.61 -22.66
N VAL A 111 7.44 -31.81 -21.67
CA VAL A 111 8.31 -30.85 -20.99
C VAL A 111 8.22 -31.10 -19.49
N SER A 112 9.37 -31.15 -18.83
CA SER A 112 9.44 -31.48 -17.40
C SER A 112 10.27 -30.43 -16.66
N ASP A 113 10.03 -30.35 -15.35
CA ASP A 113 10.70 -29.36 -14.49
C ASP A 113 11.63 -30.00 -13.49
N SER A 114 11.84 -31.32 -13.55
CA SER A 114 12.71 -31.99 -12.60
C SER A 114 13.68 -32.98 -13.21
N ALA A 115 13.37 -33.56 -14.38
CA ALA A 115 14.26 -34.47 -15.10
C ALA A 115 14.68 -35.66 -14.23
N GLU A 116 13.68 -36.49 -13.92
CA GLU A 116 13.90 -37.62 -13.03
C GLU A 116 14.25 -38.90 -13.79
N GLY A 117 13.65 -39.12 -14.95
CA GLY A 117 13.84 -40.37 -15.65
C GLY A 117 14.52 -40.25 -17.00
N LEU A 118 15.33 -39.20 -17.19
CA LEU A 118 15.99 -38.95 -18.46
C LEU A 118 17.40 -39.48 -18.50
N GLU A 119 17.83 -40.25 -17.50
CA GLU A 119 19.22 -40.69 -17.43
C GLU A 119 19.60 -41.54 -18.64
N LYS A 120 18.66 -42.36 -19.13
CA LYS A 120 18.93 -43.28 -20.23
C LYS A 120 18.42 -42.78 -21.56
N CYS A 121 17.94 -41.54 -21.64
CA CYS A 121 17.51 -40.99 -22.91
C CYS A 121 18.72 -40.81 -23.83
N ASP A 122 18.43 -40.57 -25.11
CA ASP A 122 19.46 -40.08 -26.01
C ASP A 122 19.68 -38.60 -25.77
N ASN A 123 20.87 -38.11 -26.13
CA ASN A 123 21.29 -36.76 -25.78
C ASN A 123 21.02 -36.47 -24.30
N SER A 124 20.88 -37.53 -23.48
CA SER A 124 20.79 -37.40 -22.03
C SER A 124 22.13 -36.98 -21.48
N LEU A 125 22.75 -35.99 -22.11
CA LEU A 125 24.10 -35.62 -21.82
C LEU A 125 24.11 -34.32 -21.05
N ASN A 126 23.46 -33.27 -21.53
CA ASN A 126 23.76 -31.95 -21.02
C ASN A 126 22.73 -31.47 -20.03
N LEU A 127 22.10 -32.36 -19.28
CA LEU A 127 20.99 -31.98 -18.41
C LEU A 127 21.37 -31.91 -16.93
N PRO A 128 20.63 -31.15 -16.08
CA PRO A 128 21.11 -31.00 -14.70
C PRO A 128 20.41 -31.91 -13.72
N LYS A 129 20.90 -31.91 -12.47
CA LYS A 129 20.21 -32.65 -11.42
C LYS A 129 18.82 -32.07 -11.18
N ARG A 130 18.72 -30.76 -11.03
CA ARG A 130 17.50 -30.15 -10.55
C ARG A 130 17.32 -28.76 -11.15
N PHE A 131 16.15 -28.50 -11.73
CA PHE A 131 15.77 -27.13 -12.07
C PHE A 131 15.28 -26.44 -10.81
N SER A 132 15.77 -25.22 -10.57
CA SER A 132 15.61 -24.60 -9.26
C SER A 132 14.18 -24.16 -8.97
N LYS A 133 13.26 -24.26 -9.94
CA LYS A 133 11.83 -24.06 -9.72
C LYS A 133 11.49 -22.66 -9.25
N VAL A 134 12.28 -21.67 -9.66
CA VAL A 134 11.96 -20.27 -9.33
C VAL A 134 10.88 -19.77 -10.28
N PRO A 135 9.81 -19.16 -9.76
CA PRO A 135 8.76 -18.63 -10.66
C PRO A 135 9.31 -17.58 -11.60
N VAL A 136 9.15 -17.81 -12.89
CA VAL A 136 9.69 -16.94 -13.93
C VAL A 136 8.67 -16.81 -15.06
N ILE A 137 8.51 -15.60 -15.57
CA ILE A 137 7.65 -15.33 -16.71
C ILE A 137 8.50 -14.71 -17.80
N PRO A 138 8.10 -14.83 -19.07
CA PRO A 138 8.95 -14.36 -20.17
C PRO A 138 9.05 -12.84 -20.27
N ILE A 139 9.76 -12.36 -21.29
CA ILE A 139 9.98 -10.94 -21.50
C ILE A 139 9.06 -10.46 -22.62
N THR A 140 8.35 -9.36 -22.34
CA THR A 140 7.67 -8.60 -23.38
C THR A 140 8.47 -7.38 -23.81
N LYS A 141 9.17 -6.75 -22.88
CA LYS A 141 9.88 -5.50 -23.11
C LYS A 141 11.25 -5.79 -23.70
N LEU A 142 11.35 -5.70 -25.03
CA LEU A 142 12.62 -5.94 -25.70
C LEU A 142 13.71 -5.04 -25.13
N ASP A 143 13.37 -3.77 -24.88
CA ASP A 143 14.33 -2.84 -24.28
C ASP A 143 14.78 -3.29 -22.90
N ASN A 144 13.95 -4.06 -22.19
CA ASN A 144 14.28 -4.48 -20.84
C ASN A 144 15.04 -5.80 -20.78
N LYS A 145 15.38 -6.38 -21.94
CA LYS A 145 16.12 -7.63 -22.02
C LYS A 145 17.38 -7.58 -21.18
N ARG A 146 18.31 -6.70 -21.57
CA ARG A 146 19.57 -6.58 -20.85
C ARG A 146 19.36 -6.30 -19.37
N HIS A 147 18.24 -5.68 -19.01
CA HIS A 147 17.98 -5.38 -17.61
C HIS A 147 17.31 -6.52 -16.88
N PHE A 148 16.75 -7.50 -17.60
CA PHE A 148 15.99 -8.56 -16.95
C PHE A 148 16.28 -9.95 -17.51
N SER A 149 17.45 -10.17 -18.13
CA SER A 149 17.79 -11.51 -18.61
C SER A 149 17.98 -12.44 -17.41
N VAL A 150 17.19 -13.50 -17.34
CA VAL A 150 17.31 -14.46 -16.24
C VAL A 150 17.40 -15.87 -16.82
N GLY A 151 17.62 -15.98 -18.12
CA GLY A 151 17.86 -17.26 -18.75
C GLY A 151 16.73 -17.70 -19.67
N THR A 152 16.78 -18.98 -20.04
CA THR A 152 15.87 -19.56 -21.01
C THR A 152 14.91 -20.53 -20.34
N LYS A 153 13.67 -20.55 -20.81
CA LYS A 153 12.68 -21.49 -20.32
C LYS A 153 11.70 -21.79 -21.44
N PHE A 154 11.41 -23.08 -21.65
CA PHE A 154 10.45 -23.49 -22.67
C PHE A 154 9.03 -23.12 -22.25
N PHE A 155 8.21 -22.80 -23.24
CA PHE A 155 6.81 -22.49 -23.02
C PHE A 155 5.98 -23.03 -24.18
N ILE A 156 4.73 -23.38 -23.87
CA ILE A 156 3.81 -23.93 -24.87
C ILE A 156 3.25 -22.79 -25.69
N SER A 157 3.64 -22.72 -26.96
CA SER A 157 3.09 -21.76 -27.90
C SER A 157 2.14 -22.48 -28.86
N GLU A 158 1.28 -21.70 -29.51
CA GLU A 158 0.42 -22.24 -30.55
C GLU A 158 1.21 -22.33 -31.85
N SER A 159 1.12 -23.48 -32.51
CA SER A 159 1.91 -23.72 -33.71
C SER A 159 1.65 -22.65 -34.75
N LEU A 160 2.68 -22.37 -35.55
CA LEU A 160 2.54 -21.40 -36.64
C LEU A 160 1.61 -21.92 -37.72
N THR A 161 1.74 -23.19 -38.09
CA THR A 161 0.66 -23.85 -38.80
C THR A 161 -0.49 -24.12 -37.84
N GLN A 162 -1.64 -24.58 -38.38
CA GLN A 162 -2.69 -24.96 -37.41
C GLN A 162 -2.28 -26.15 -36.57
N ASP A 163 -1.11 -26.74 -36.81
CA ASP A 163 -0.65 -27.95 -36.11
C ASP A 163 -1.09 -27.94 -34.65
N ASN A 164 -1.82 -28.99 -34.28
CA ASN A 164 -2.31 -29.12 -32.90
C ASN A 164 -1.55 -30.23 -32.20
N TYR A 165 -0.22 -30.17 -32.23
CA TYR A 165 0.54 -31.28 -31.70
C TYR A 165 0.39 -31.34 -30.19
N PRO A 166 -0.11 -32.45 -29.63
CA PRO A 166 -0.31 -32.51 -28.18
C PRO A 166 0.99 -32.65 -27.39
N ILE A 167 1.38 -31.58 -26.69
CA ILE A 167 2.48 -31.60 -25.75
C ILE A 167 1.90 -31.52 -24.34
N THR A 168 2.58 -32.15 -23.39
CA THR A 168 2.09 -32.24 -22.02
C THR A 168 3.02 -31.47 -21.08
N TYR A 169 3.01 -30.15 -21.20
CA TYR A 169 3.82 -29.31 -20.33
C TYR A 169 3.48 -29.57 -18.87
N ASN A 170 4.51 -29.85 -18.08
CA ASN A 170 4.36 -30.20 -16.65
C ASN A 170 3.41 -31.39 -16.57
N SER A 171 2.35 -31.33 -15.78
CA SER A 171 1.40 -32.43 -15.67
C SER A 171 0.10 -32.17 -16.44
N TYR A 172 0.04 -31.08 -17.21
CA TYR A 172 -1.16 -30.70 -17.91
C TYR A 172 -0.99 -30.93 -19.41
N PRO A 173 -1.80 -31.79 -20.02
CA PRO A 173 -1.73 -31.99 -21.48
C PRO A 173 -2.58 -31.02 -22.25
N THR A 174 -2.13 -30.71 -23.46
CA THR A 174 -2.81 -29.80 -24.39
C THR A 174 -2.09 -29.92 -25.73
N ASN A 175 -2.47 -29.08 -26.70
CA ASN A 175 -1.77 -29.02 -27.98
C ASN A 175 -0.97 -27.72 -28.06
N GLY A 176 -0.43 -27.47 -29.23
CA GLY A 176 0.46 -26.34 -29.48
C GLY A 176 1.83 -26.82 -29.88
N THR A 177 2.75 -25.86 -29.97
CA THR A 177 4.14 -26.16 -30.24
C THR A 177 5.01 -25.67 -29.08
N VAL A 178 6.17 -26.28 -28.94
CA VAL A 178 7.13 -25.83 -27.93
C VAL A 178 7.90 -24.65 -28.49
N SER A 179 8.17 -23.66 -27.64
CA SER A 179 8.87 -22.47 -28.06
C SER A 179 9.71 -21.95 -26.91
N LEU A 180 11.00 -21.73 -27.17
CA LEU A 180 11.93 -21.27 -26.16
C LEU A 180 11.95 -19.74 -26.13
N GLN A 181 11.83 -19.18 -24.94
CA GLN A 181 11.83 -17.73 -24.75
C GLN A 181 12.65 -17.37 -23.52
N THR A 182 13.30 -16.22 -23.58
CA THR A 182 13.93 -15.67 -22.38
C THR A 182 12.87 -15.30 -21.36
N VAL A 183 13.25 -15.29 -20.08
CA VAL A 183 12.29 -15.05 -19.01
C VAL A 183 12.83 -14.00 -18.05
N LYS A 184 11.92 -13.48 -17.22
CA LYS A 184 12.25 -12.53 -16.16
C LYS A 184 11.76 -13.07 -14.82
N LEU A 185 12.23 -12.44 -13.74
CA LEU A 185 11.77 -12.81 -12.42
C LEU A 185 10.36 -12.27 -12.18
N SER A 186 9.67 -12.85 -11.21
CA SER A 186 8.25 -12.58 -11.07
C SER A 186 7.74 -12.96 -9.68
N GLY A 187 6.76 -12.19 -9.20
CA GLY A 187 6.06 -12.49 -7.96
C GLY A 187 5.82 -11.29 -7.08
N ASP A 188 5.85 -11.48 -5.76
CA ASP A 188 5.72 -10.41 -4.78
C ASP A 188 6.94 -10.46 -3.87
N CYS A 189 8.02 -9.81 -4.31
CA CYS A 189 9.21 -9.62 -3.47
C CYS A 189 9.06 -8.30 -2.74
N LYS A 190 8.82 -8.36 -1.43
CA LYS A 190 8.79 -7.14 -0.63
C LYS A 190 10.23 -6.67 -0.44
N ILE A 191 10.76 -6.02 -1.48
CA ILE A 191 12.11 -5.50 -1.44
C ILE A 191 12.18 -4.41 -0.39
N THR A 192 12.83 -4.72 0.74
CA THR A 192 12.94 -3.77 1.83
C THR A 192 14.11 -2.84 1.55
N LYS A 193 13.81 -1.71 0.90
CA LYS A 193 14.80 -0.65 0.73
C LYS A 193 15.30 -0.23 2.10
N SER A 194 14.43 0.38 2.90
CA SER A 194 14.80 0.84 4.22
C SER A 194 15.04 -0.33 5.16
N ASN A 195 16.23 -0.35 5.77
CA ASN A 195 16.55 -1.33 6.80
C ASN A 195 17.22 -0.62 7.95
N PHE A 196 16.72 -0.85 9.16
CA PHE A 196 17.11 -0.12 10.36
C PHE A 196 18.62 -0.15 10.58
N ALA A 197 19.16 -1.32 10.88
CA ALA A 197 20.58 -1.49 11.10
C ALA A 197 21.22 -2.20 9.91
N ASN A 198 22.55 -2.13 9.85
CA ASN A 198 23.35 -2.69 8.75
C ASN A 198 22.85 -2.14 7.42
N PRO A 199 23.20 -0.91 7.06
CA PRO A 199 22.71 -0.36 5.78
C PRO A 199 23.24 -1.11 4.57
N TYR A 200 24.42 -1.71 4.67
CA TYR A 200 24.97 -2.52 3.59
C TYR A 200 24.30 -3.88 3.48
N THR A 201 23.49 -4.26 4.45
CA THR A 201 22.71 -5.50 4.41
C THR A 201 21.25 -5.15 4.15
N VAL A 202 20.68 -5.77 3.11
CA VAL A 202 19.28 -5.54 2.75
C VAL A 202 18.49 -6.82 2.99
N SER A 203 17.31 -6.66 3.58
CA SER A 203 16.41 -7.79 3.78
C SER A 203 15.41 -7.86 2.65
N ILE A 204 14.84 -9.05 2.45
CA ILE A 204 13.86 -9.26 1.40
C ILE A 204 12.91 -10.37 1.80
N THR A 205 11.60 -10.07 1.80
CA THR A 205 10.57 -11.03 2.14
C THR A 205 9.63 -11.23 0.95
N SER A 206 8.95 -12.36 0.95
CA SER A 206 7.98 -12.69 -0.08
C SER A 206 6.93 -13.61 0.52
N PRO A 207 5.64 -13.27 0.38
CA PRO A 207 4.60 -14.17 0.91
C PRO A 207 4.50 -15.47 0.14
N GLU A 208 5.01 -15.53 -1.10
CA GLU A 208 4.97 -16.76 -1.87
C GLU A 208 5.73 -17.87 -1.16
N LYS A 209 5.34 -19.12 -1.46
CA LYS A 209 5.99 -20.25 -0.82
C LYS A 209 7.47 -20.30 -1.15
N ILE A 210 7.81 -20.24 -2.43
CA ILE A 210 9.20 -20.12 -2.88
C ILE A 210 9.30 -18.83 -3.68
N MET A 211 10.54 -18.35 -3.82
CA MET A 211 10.77 -17.09 -4.53
C MET A 211 12.25 -17.03 -4.91
N GLY A 212 12.53 -16.31 -6.00
CA GLY A 212 13.87 -16.20 -6.52
C GLY A 212 14.32 -14.77 -6.67
N TYR A 213 15.62 -14.55 -6.47
CA TYR A 213 16.24 -13.25 -6.67
C TYR A 213 17.59 -13.44 -7.33
N LEU A 214 18.22 -12.33 -7.70
CA LEU A 214 19.47 -12.37 -8.44
C LEU A 214 20.06 -10.95 -8.48
N ILE A 215 21.37 -10.88 -8.43
CA ILE A 215 22.10 -9.62 -8.55
C ILE A 215 23.02 -9.72 -9.76
N LYS A 216 22.88 -8.77 -10.69
CA LYS A 216 23.67 -8.80 -11.90
C LYS A 216 23.78 -7.42 -12.52
N LYS A 217 24.85 -7.21 -13.27
CA LYS A 217 25.02 -6.04 -14.10
C LYS A 217 24.05 -6.09 -15.27
N PRO A 218 23.87 -4.98 -15.99
CA PRO A 218 23.09 -5.03 -17.23
C PRO A 218 23.76 -5.95 -18.24
N GLY A 219 23.06 -7.01 -18.63
CA GLY A 219 23.57 -7.96 -19.59
C GLY A 219 24.50 -8.98 -18.96
N GLU A 220 25.74 -9.03 -19.44
CA GLU A 220 26.79 -9.95 -18.99
C GLU A 220 26.48 -11.40 -19.34
N ASN A 221 25.34 -11.68 -19.98
CA ASN A 221 24.90 -13.05 -20.28
C ASN A 221 24.92 -13.92 -19.03
N VAL A 222 24.68 -13.30 -17.88
CA VAL A 222 24.76 -14.00 -16.60
C VAL A 222 23.52 -14.87 -16.45
N GLU A 223 23.70 -16.18 -16.56
CA GLU A 223 22.66 -17.16 -16.31
C GLU A 223 22.85 -17.77 -14.94
N HIS A 224 21.90 -18.61 -14.55
CA HIS A 224 21.85 -19.22 -13.21
C HIS A 224 21.88 -18.07 -12.21
N LYS A 225 22.70 -18.14 -11.15
CA LYS A 225 22.75 -17.11 -10.11
C LYS A 225 21.37 -16.83 -9.52
N VAL A 226 20.45 -17.75 -9.69
CA VAL A 226 19.11 -17.68 -9.09
C VAL A 226 19.15 -18.41 -7.76
N ILE A 227 18.52 -17.82 -6.75
CA ILE A 227 18.58 -18.34 -5.39
C ILE A 227 17.17 -18.73 -4.96
N SER A 228 17.03 -19.96 -4.47
CA SER A 228 15.76 -20.48 -3.98
C SER A 228 15.59 -20.03 -2.54
N PHE A 229 14.87 -18.92 -2.32
CA PHE A 229 14.63 -18.41 -0.99
C PHE A 229 13.13 -18.43 -0.70
N SER A 230 12.81 -18.46 0.59
CA SER A 230 11.43 -18.51 1.05
C SER A 230 11.28 -17.65 2.30
N GLY A 231 10.27 -16.79 2.30
CA GLY A 231 10.00 -15.94 3.44
C GLY A 231 11.11 -14.94 3.74
N SER A 232 11.79 -15.14 4.86
CA SER A 232 12.85 -14.23 5.26
C SER A 232 14.13 -14.51 4.48
N ALA A 233 14.80 -13.44 4.04
CA ALA A 233 16.06 -13.56 3.32
C ALA A 233 16.88 -12.30 3.56
N SER A 234 18.13 -12.49 3.97
CA SER A 234 19.06 -11.39 4.23
C SER A 234 20.16 -11.40 3.19
N ILE A 235 20.51 -10.21 2.70
CA ILE A 235 21.45 -10.07 1.58
C ILE A 235 22.52 -9.06 1.97
N THR A 236 23.78 -9.44 1.76
CA THR A 236 24.92 -8.54 1.92
C THR A 236 25.63 -8.40 0.58
N PHE A 237 26.28 -7.26 0.38
CA PHE A 237 26.89 -6.92 -0.89
C PHE A 237 28.40 -7.16 -0.84
N THR A 238 28.94 -7.71 -1.92
CA THR A 238 30.38 -7.93 -1.99
C THR A 238 31.09 -6.66 -2.41
N GLU A 239 32.43 -6.68 -2.28
CA GLU A 239 33.23 -5.48 -2.52
C GLU A 239 33.04 -4.95 -3.94
N GLU A 240 33.17 -5.82 -4.93
CA GLU A 240 32.95 -5.41 -6.32
C GLU A 240 31.49 -5.06 -6.58
N MET A 241 30.57 -5.75 -5.89
CA MET A 241 29.14 -5.65 -6.20
C MET A 241 28.65 -4.21 -6.16
N LEU A 242 29.15 -3.43 -5.21
CA LEU A 242 28.67 -2.06 -5.03
C LEU A 242 29.02 -1.14 -6.19
N ASP A 243 29.61 -1.64 -7.26
CA ASP A 243 29.71 -0.85 -8.49
C ASP A 243 28.30 -0.45 -8.94
N GLY A 244 28.11 0.85 -9.18
CA GLY A 244 26.77 1.39 -9.31
C GLY A 244 25.91 0.72 -10.37
N GLU A 245 26.53 0.19 -11.42
CA GLU A 245 25.77 -0.38 -12.52
C GLU A 245 25.06 -1.68 -12.15
N HIS A 246 25.45 -2.31 -11.05
CA HIS A 246 24.79 -3.54 -10.63
C HIS A 246 23.32 -3.29 -10.33
N ASN A 247 22.50 -4.32 -10.51
CA ASN A 247 21.07 -4.24 -10.29
C ASN A 247 20.60 -5.48 -9.54
N LEU A 248 19.73 -5.27 -8.56
CA LEU A 248 19.10 -6.35 -7.80
C LEU A 248 17.71 -6.60 -8.37
N LEU A 249 17.45 -7.87 -8.72
CA LEU A 249 16.18 -8.28 -9.29
C LEU A 249 15.51 -9.26 -8.33
N CYS A 250 14.31 -8.92 -7.88
CA CYS A 250 13.51 -9.78 -7.02
C CYS A 250 12.06 -9.62 -7.41
N GLY A 251 11.41 -10.73 -7.76
CA GLY A 251 10.06 -10.68 -8.25
C GLY A 251 9.95 -9.79 -9.47
N ASP A 252 8.74 -9.23 -9.63
CA ASP A 252 8.57 -8.17 -10.61
C ASP A 252 9.47 -6.99 -10.31
N LYS A 253 9.68 -6.71 -9.02
CA LYS A 253 10.37 -5.52 -8.59
C LYS A 253 11.83 -5.52 -9.04
N SER A 254 12.41 -4.32 -9.08
CA SER A 254 13.77 -4.12 -9.55
C SER A 254 14.30 -2.81 -8.99
N ALA A 255 15.55 -2.82 -8.55
CA ALA A 255 16.20 -1.65 -7.99
C ALA A 255 17.64 -1.58 -8.48
N LYS A 256 18.25 -0.41 -8.27
CA LYS A 256 19.64 -0.17 -8.62
C LYS A 256 20.42 0.23 -7.37
N ILE A 257 21.61 -0.30 -7.22
CA ILE A 257 22.44 -0.04 -6.05
C ILE A 257 23.44 1.06 -6.40
N PRO A 258 23.55 2.12 -5.61
CA PRO A 258 24.52 3.17 -5.91
C PRO A 258 25.91 2.83 -5.39
N LYS A 259 26.91 3.36 -6.09
CA LYS A 259 28.29 3.12 -5.72
C LYS A 259 28.61 3.84 -4.42
N THR A 260 29.03 3.09 -3.40
CA THR A 260 29.41 3.66 -2.12
C THR A 260 30.88 4.09 -2.15
N ASN A 261 31.21 5.05 -1.29
CA ASN A 261 32.55 5.61 -1.27
C ASN A 261 33.58 4.56 -0.86
N LYS A 262 34.74 4.62 -1.51
CA LYS A 262 35.78 3.63 -1.25
C LYS A 262 36.38 3.79 0.13
N ARG A 263 36.47 5.02 0.65
CA ARG A 263 37.03 5.23 1.98
C ARG A 263 36.02 4.95 3.08
N VAL A 264 34.73 5.13 2.80
CA VAL A 264 33.70 4.65 3.74
C VAL A 264 33.82 3.14 3.89
N ARG A 265 34.22 2.45 2.82
CA ARG A 265 34.56 1.05 2.92
C ARG A 265 35.85 0.88 3.71
N ASP A 266 36.01 -0.31 4.30
CA ASP A 266 37.15 -0.67 5.16
C ASP A 266 37.12 0.09 6.47
N CYS A 267 36.27 1.12 6.57
CA CYS A 267 36.00 1.77 7.84
C CYS A 267 35.18 0.89 8.78
N ILE A 268 34.61 -0.20 8.26
CA ILE A 268 33.77 -1.09 9.05
C ILE A 268 34.56 -1.69 10.22
N ILE A 269 35.88 -1.82 10.07
CA ILE A 269 36.74 -2.46 11.05
C ILE A 269 36.48 -2.03 12.49
N LEU B 75 18.77 -1.26 -39.70
CA LEU B 75 17.78 -0.19 -39.71
C LEU B 75 16.42 -0.74 -40.13
N PRO B 76 15.42 -0.66 -39.24
CA PRO B 76 14.07 -1.13 -39.59
C PRO B 76 13.34 -0.20 -40.55
N ASN B 77 14.10 0.45 -41.43
CA ASN B 77 13.52 1.34 -42.42
C ASN B 77 12.59 0.56 -43.34
N ASN B 78 11.65 1.29 -43.94
CA ASN B 78 10.59 0.78 -44.82
C ASN B 78 9.97 -0.54 -44.36
N CYS B 79 9.98 -0.80 -43.05
CA CYS B 79 8.93 -1.61 -42.44
C CYS B 79 7.84 -0.73 -41.85
N LEU B 80 8.11 0.57 -41.72
CA LEU B 80 7.11 1.60 -41.52
C LEU B 80 6.57 2.14 -42.83
N ASN B 81 7.30 1.97 -43.93
CA ASN B 81 6.91 2.38 -45.26
C ASN B 81 6.31 1.26 -46.08
N ALA B 82 5.78 0.21 -45.43
CA ALA B 82 5.44 -1.02 -46.11
C ALA B 82 4.45 -0.83 -47.26
N SER B 83 3.72 0.28 -47.29
CA SER B 83 2.86 0.57 -48.43
C SER B 83 3.66 0.88 -49.69
N SER B 84 4.95 1.19 -49.56
CA SER B 84 5.83 1.46 -50.69
C SER B 84 6.62 0.23 -51.12
N LEU B 85 6.28 -0.94 -50.59
CA LEU B 85 7.03 -2.16 -50.89
C LEU B 85 6.06 -3.30 -51.14
N LYS B 86 6.52 -4.30 -51.89
CA LYS B 86 5.78 -5.55 -52.04
C LYS B 86 5.87 -6.33 -50.74
N CYS B 87 4.75 -6.50 -50.05
CA CYS B 87 4.73 -7.10 -48.73
C CYS B 87 3.75 -8.27 -48.71
N GLU B 88 4.07 -9.26 -47.87
CA GLU B 88 3.28 -10.47 -47.74
C GLU B 88 2.81 -10.60 -46.30
N ILE B 89 1.49 -10.64 -46.12
CA ILE B 89 0.91 -10.81 -44.79
C ILE B 89 1.06 -12.27 -44.38
N LYS B 90 1.82 -12.52 -43.31
CA LYS B 90 2.09 -13.87 -42.87
C LYS B 90 1.13 -14.31 -41.76
N GLY B 91 0.94 -13.46 -40.77
CA GLY B 91 0.09 -13.82 -39.64
C GLY B 91 -0.62 -12.61 -39.07
N ILE B 92 -1.80 -12.86 -38.50
CA ILE B 92 -2.60 -11.82 -37.85
C ILE B 92 -3.10 -12.38 -36.53
N SER B 93 -2.81 -11.67 -35.43
CA SER B 93 -3.29 -12.04 -34.11
C SER B 93 -4.34 -11.04 -33.66
N THR B 94 -4.74 -11.16 -32.40
CA THR B 94 -5.74 -10.24 -31.85
C THR B 94 -5.14 -8.88 -31.53
N TYR B 95 -3.88 -8.85 -31.07
CA TYR B 95 -3.28 -7.62 -30.59
C TYR B 95 -2.05 -7.19 -31.37
N ASN B 96 -1.68 -7.91 -32.44
CA ASN B 96 -0.62 -7.47 -33.34
C ASN B 96 -0.73 -8.26 -34.63
N VAL B 97 0.03 -7.81 -35.63
CA VAL B 97 0.01 -8.41 -36.97
C VAL B 97 1.46 -8.63 -37.41
N TYR B 98 1.70 -9.75 -38.09
CA TYR B 98 3.01 -10.08 -38.60
C TYR B 98 3.00 -10.03 -40.12
N TYR B 99 4.04 -9.43 -40.69
CA TYR B 99 4.15 -9.27 -42.13
C TYR B 99 5.63 -9.23 -42.51
N GLN B 100 5.91 -9.59 -43.76
CA GLN B 100 7.27 -9.51 -44.29
C GLN B 100 7.26 -8.62 -45.52
N VAL B 101 8.22 -7.69 -45.57
CA VAL B 101 8.35 -6.79 -46.70
C VAL B 101 9.59 -7.18 -47.49
N GLU B 102 9.58 -6.82 -48.77
CA GLU B 102 10.69 -7.12 -49.68
C GLU B 102 11.08 -5.83 -50.39
N ASN B 103 12.33 -5.41 -50.17
CA ASN B 103 12.84 -4.19 -50.79
C ASN B 103 13.84 -4.51 -51.89
N ASN B 104 15.03 -5.04 -51.54
CA ASN B 104 16.08 -5.32 -52.52
C ASN B 104 16.77 -6.63 -52.16
N GLY B 105 16.09 -7.76 -52.43
CA GLY B 105 16.70 -9.06 -52.45
C GLY B 105 16.48 -9.91 -51.21
N VAL B 106 16.27 -9.29 -50.05
CA VAL B 106 16.18 -10.01 -48.78
C VAL B 106 14.87 -9.65 -48.10
N ILE B 107 14.21 -10.66 -47.53
CA ILE B 107 12.92 -10.49 -46.86
C ILE B 107 13.14 -9.87 -45.49
N TYR B 108 12.32 -8.85 -45.16
CA TYR B 108 12.37 -8.19 -43.86
C TYR B 108 11.15 -8.62 -43.06
N SER B 109 11.36 -9.35 -41.97
CA SER B 109 10.28 -9.79 -41.11
C SER B 109 10.01 -8.73 -40.05
N CYS B 110 8.75 -8.35 -39.89
CA CYS B 110 8.38 -7.27 -39.00
C CYS B 110 7.00 -7.52 -38.41
N VAL B 111 6.84 -7.19 -37.13
CA VAL B 111 5.56 -7.28 -36.43
C VAL B 111 5.17 -5.87 -35.99
N SER B 112 3.88 -5.56 -36.05
CA SER B 112 3.40 -4.23 -35.71
C SER B 112 1.99 -4.34 -35.13
N ASP B 113 1.37 -3.19 -34.88
CA ASP B 113 0.06 -3.13 -34.26
C ASP B 113 -0.87 -2.09 -34.89
N SER B 114 -0.41 -1.34 -35.88
CA SER B 114 -1.18 -0.22 -36.42
C SER B 114 -2.14 -0.63 -37.53
N ALA B 115 -1.83 -1.70 -38.27
CA ALA B 115 -2.58 -2.11 -39.45
C ALA B 115 -2.66 -0.96 -40.46
N GLU B 116 -1.58 -0.20 -40.56
CA GLU B 116 -1.48 0.95 -41.46
C GLU B 116 -0.46 0.66 -42.54
N GLY B 117 -0.74 1.13 -43.75
CA GLY B 117 0.13 0.88 -44.89
C GLY B 117 0.21 -0.56 -45.34
N LEU B 118 -0.52 -1.46 -44.70
CA LEU B 118 -0.53 -2.86 -45.06
C LEU B 118 -1.75 -3.24 -45.90
N GLU B 119 -2.53 -2.25 -46.33
CA GLU B 119 -3.71 -2.54 -47.14
C GLU B 119 -3.34 -3.07 -48.52
N LYS B 120 -2.19 -2.65 -49.06
CA LYS B 120 -1.74 -3.08 -50.37
C LYS B 120 -0.89 -4.33 -50.33
N CYS B 121 -0.67 -4.90 -49.15
CA CYS B 121 0.10 -6.14 -49.05
C CYS B 121 -0.76 -7.33 -49.48
N ASP B 122 -0.08 -8.43 -49.81
CA ASP B 122 -0.77 -9.63 -50.25
C ASP B 122 -1.46 -10.33 -49.08
N ASN B 123 -2.55 -11.02 -49.39
CA ASN B 123 -3.35 -11.76 -48.40
C ASN B 123 -3.80 -10.83 -47.26
N SER B 124 -4.00 -9.56 -47.56
CA SER B 124 -4.46 -8.58 -46.58
C SER B 124 -5.98 -8.47 -46.58
N LEU B 125 -6.68 -9.59 -46.68
CA LEU B 125 -8.14 -9.54 -46.82
C LEU B 125 -8.82 -9.39 -45.47
N ASN B 126 -8.43 -10.21 -44.49
CA ASN B 126 -9.06 -10.20 -43.17
C ASN B 126 -8.32 -9.31 -42.18
N LEU B 127 -7.81 -8.16 -42.63
CA LEU B 127 -7.10 -7.27 -41.72
C LEU B 127 -8.11 -6.50 -40.87
N PRO B 128 -7.91 -6.44 -39.55
CA PRO B 128 -8.78 -5.60 -38.72
C PRO B 128 -8.50 -4.13 -38.96
N LYS B 129 -9.47 -3.29 -38.58
CA LYS B 129 -9.30 -1.85 -38.71
C LYS B 129 -8.09 -1.38 -37.90
N ARG B 130 -8.15 -1.55 -36.58
CA ARG B 130 -7.03 -1.26 -35.70
C ARG B 130 -6.93 -2.35 -34.65
N PHE B 131 -5.88 -2.30 -33.85
CA PHE B 131 -5.69 -3.22 -32.75
C PHE B 131 -5.89 -2.50 -31.43
N SER B 132 -6.38 -3.24 -30.43
CA SER B 132 -6.76 -2.61 -29.17
C SER B 132 -5.56 -2.06 -28.40
N LYS B 133 -4.41 -2.75 -28.49
CA LYS B 133 -3.17 -2.31 -27.85
C LYS B 133 -3.35 -2.10 -26.35
N VAL B 134 -3.67 -3.19 -25.66
CA VAL B 134 -3.91 -3.15 -24.22
C VAL B 134 -2.80 -3.91 -23.50
N PRO B 135 -2.53 -3.61 -22.23
CA PRO B 135 -1.52 -4.38 -21.48
C PRO B 135 -1.89 -5.86 -21.44
N VAL B 136 -1.05 -6.68 -22.06
CA VAL B 136 -1.38 -8.07 -22.35
C VAL B 136 -0.12 -8.92 -22.22
N ILE B 137 -0.18 -9.93 -21.36
CA ILE B 137 0.92 -10.88 -21.19
C ILE B 137 0.39 -12.29 -21.50
N PRO B 138 1.26 -13.21 -21.95
CA PRO B 138 0.78 -14.57 -22.24
C PRO B 138 0.50 -15.38 -20.98
N ILE B 139 0.01 -16.60 -21.16
CA ILE B 139 -0.33 -17.50 -20.06
C ILE B 139 0.85 -18.41 -19.78
N THR B 140 1.07 -18.72 -18.50
CA THR B 140 2.08 -19.69 -18.09
C THR B 140 1.41 -20.98 -17.62
N LYS B 141 0.69 -20.93 -16.49
CA LYS B 141 -0.11 -22.06 -16.05
C LYS B 141 -1.21 -22.34 -17.05
N LEU B 142 -1.03 -23.39 -17.88
CA LEU B 142 -2.02 -23.72 -18.90
C LEU B 142 -3.37 -24.05 -18.28
N ASP B 143 -3.41 -24.27 -16.97
CA ASP B 143 -4.66 -24.48 -16.25
C ASP B 143 -5.57 -23.25 -16.29
N ASN B 144 -5.00 -22.06 -16.50
CA ASN B 144 -5.76 -20.82 -16.41
C ASN B 144 -6.12 -20.20 -17.76
N LYS B 145 -5.89 -20.92 -18.86
CA LYS B 145 -6.31 -20.42 -20.16
C LYS B 145 -7.82 -20.21 -20.22
N ARG B 146 -8.58 -21.22 -19.77
CA ARG B 146 -10.03 -21.18 -19.87
C ARG B 146 -10.60 -19.98 -19.12
N HIS B 147 -10.04 -19.66 -17.96
CA HIS B 147 -10.57 -18.57 -17.13
C HIS B 147 -10.06 -17.21 -17.58
N PHE B 148 -8.90 -17.15 -18.22
CA PHE B 148 -8.26 -15.88 -18.55
C PHE B 148 -8.01 -15.69 -20.04
N SER B 149 -8.61 -16.53 -20.90
CA SER B 149 -8.42 -16.37 -22.34
C SER B 149 -8.98 -15.02 -22.79
N VAL B 150 -8.20 -14.30 -23.59
CA VAL B 150 -8.57 -12.97 -24.03
C VAL B 150 -8.18 -12.79 -25.49
N GLY B 151 -7.60 -13.82 -26.09
CA GLY B 151 -7.24 -13.80 -27.49
C GLY B 151 -5.84 -14.32 -27.71
N THR B 152 -5.28 -13.98 -28.86
CA THR B 152 -3.95 -14.41 -29.27
C THR B 152 -3.09 -13.19 -29.60
N LYS B 153 -1.81 -13.25 -29.27
CA LYS B 153 -0.90 -12.16 -29.55
C LYS B 153 0.44 -12.71 -30.02
N PHE B 154 1.02 -12.08 -31.04
CA PHE B 154 2.32 -12.47 -31.52
C PHE B 154 3.42 -11.97 -30.59
N PHE B 155 4.39 -12.84 -30.33
CA PHE B 155 5.51 -12.51 -29.45
C PHE B 155 6.80 -12.98 -30.09
N ILE B 156 7.88 -12.26 -29.79
CA ILE B 156 9.21 -12.61 -30.29
C ILE B 156 9.82 -13.65 -29.36
N SER B 157 10.28 -14.76 -29.93
CA SER B 157 10.92 -15.82 -29.16
C SER B 157 12.28 -16.16 -29.76
N GLU B 158 12.88 -17.25 -29.29
CA GLU B 158 14.16 -17.74 -29.80
C GLU B 158 13.93 -19.00 -30.61
N SER B 159 14.60 -19.09 -31.75
CA SER B 159 14.43 -20.24 -32.62
C SER B 159 14.99 -21.49 -31.98
N LEU B 160 14.34 -22.63 -32.24
CA LEU B 160 14.83 -23.90 -31.71
C LEU B 160 16.17 -24.26 -32.32
N THR B 161 16.37 -23.93 -33.59
CA THR B 161 17.68 -24.08 -34.21
C THR B 161 18.59 -22.94 -33.76
N GLN B 162 19.83 -22.93 -34.25
CA GLN B 162 20.80 -21.96 -33.77
C GLN B 162 20.59 -20.58 -34.40
N ASP B 163 20.32 -20.52 -35.70
CA ASP B 163 20.17 -19.25 -36.37
C ASP B 163 18.83 -18.60 -36.03
N ASN B 164 18.83 -17.27 -35.99
CA ASN B 164 17.65 -16.48 -35.63
C ASN B 164 17.53 -15.31 -36.60
N TYR B 165 16.44 -15.29 -37.35
CA TYR B 165 16.22 -14.21 -38.31
C TYR B 165 16.05 -12.88 -37.57
N PRO B 166 16.68 -11.81 -38.02
CA PRO B 166 16.45 -10.49 -37.40
C PRO B 166 15.03 -10.01 -37.65
N ILE B 167 14.35 -9.62 -36.57
CA ILE B 167 12.98 -9.13 -36.64
C ILE B 167 12.95 -7.72 -36.06
N THR B 168 11.96 -6.93 -36.49
CA THR B 168 11.79 -5.56 -36.03
C THR B 168 10.39 -5.42 -35.43
N TYR B 169 10.21 -5.98 -34.24
CA TYR B 169 8.97 -5.79 -33.50
C TYR B 169 8.79 -4.31 -33.17
N ASN B 170 7.57 -3.81 -33.37
CA ASN B 170 7.31 -2.38 -33.35
C ASN B 170 8.28 -1.68 -34.29
N SER B 171 9.21 -0.91 -33.72
CA SER B 171 10.39 -0.45 -34.44
C SER B 171 11.67 -1.02 -33.85
N TYR B 172 11.57 -1.82 -32.79
CA TYR B 172 12.74 -2.37 -32.12
C TYR B 172 13.31 -3.53 -32.94
N PRO B 173 14.54 -3.43 -33.44
CA PRO B 173 15.13 -4.55 -34.17
C PRO B 173 15.91 -5.49 -33.26
N THR B 174 15.82 -6.79 -33.57
CA THR B 174 16.50 -7.83 -32.82
C THR B 174 16.44 -9.13 -33.61
N ASN B 175 17.27 -10.09 -33.22
CA ASN B 175 17.20 -11.41 -33.82
C ASN B 175 16.27 -12.31 -33.01
N GLY B 176 15.79 -13.37 -33.65
CA GLY B 176 14.92 -14.32 -32.99
C GLY B 176 13.99 -14.97 -34.01
N THR B 177 12.92 -15.55 -33.49
CA THR B 177 11.86 -16.11 -34.32
C THR B 177 10.51 -15.74 -33.71
N VAL B 178 9.47 -15.83 -34.52
CA VAL B 178 8.14 -15.48 -34.08
C VAL B 178 7.47 -16.71 -33.48
N SER B 179 6.47 -16.47 -32.63
CA SER B 179 5.73 -17.57 -32.00
C SER B 179 4.40 -17.01 -31.50
N LEU B 180 3.30 -17.66 -31.89
CA LEU B 180 1.98 -17.23 -31.50
C LEU B 180 1.59 -17.88 -30.18
N GLN B 181 1.07 -17.06 -29.26
CA GLN B 181 0.66 -17.53 -27.95
C GLN B 181 -0.63 -16.83 -27.52
N THR B 182 -1.54 -17.61 -26.94
CA THR B 182 -2.68 -17.00 -26.27
C THR B 182 -2.20 -16.24 -25.04
N VAL B 183 -3.05 -15.32 -24.55
CA VAL B 183 -2.59 -14.27 -23.66
C VAL B 183 -3.60 -14.01 -22.56
N LYS B 184 -3.13 -13.30 -21.53
CA LYS B 184 -3.95 -12.80 -20.43
C LYS B 184 -3.82 -11.28 -20.39
N LEU B 185 -4.84 -10.62 -19.86
CA LEU B 185 -4.77 -9.18 -19.66
C LEU B 185 -3.74 -8.87 -18.58
N SER B 186 -2.94 -7.82 -18.82
CA SER B 186 -1.87 -7.42 -17.93
C SER B 186 -2.12 -6.01 -17.40
N GLY B 187 -1.23 -5.56 -16.51
CA GLY B 187 -1.33 -4.23 -15.95
C GLY B 187 -1.75 -4.23 -14.49
N ASP B 188 -2.49 -3.21 -14.07
CA ASP B 188 -3.04 -3.14 -12.72
C ASP B 188 -4.44 -2.52 -12.78
N CYS B 189 -5.43 -3.25 -12.30
CA CYS B 189 -6.78 -2.73 -12.09
C CYS B 189 -7.10 -2.75 -10.60
N LYS B 190 -8.05 -1.90 -10.20
CA LYS B 190 -8.56 -1.89 -8.83
C LYS B 190 -10.09 -1.90 -8.91
N ILE B 191 -10.65 -3.10 -8.89
CA ILE B 191 -12.11 -3.25 -8.92
C ILE B 191 -12.69 -2.70 -7.63
N THR B 192 -13.65 -1.78 -7.75
CA THR B 192 -14.41 -1.31 -6.60
C THR B 192 -15.38 -2.41 -6.20
N LYS B 193 -14.83 -3.41 -5.50
CA LYS B 193 -15.60 -4.62 -5.18
C LYS B 193 -16.91 -4.28 -4.50
N SER B 194 -16.86 -3.39 -3.49
CA SER B 194 -18.06 -2.89 -2.84
C SER B 194 -18.41 -1.52 -3.42
N ASN B 195 -18.99 -1.53 -4.63
CA ASN B 195 -19.53 -0.31 -5.21
C ASN B 195 -21.03 -0.23 -4.93
N PHE B 196 -21.33 0.15 -3.68
CA PHE B 196 -22.71 0.31 -3.22
C PHE B 196 -23.51 1.20 -4.16
N ALA B 197 -22.94 2.33 -4.57
CA ALA B 197 -23.59 3.24 -5.49
C ALA B 197 -24.04 2.52 -6.73
N ASN B 198 -25.38 2.46 -6.92
CA ASN B 198 -25.99 1.61 -7.95
C ASN B 198 -25.41 0.21 -7.78
N PRO B 199 -25.95 -0.62 -6.86
CA PRO B 199 -25.21 -1.83 -6.43
C PRO B 199 -24.84 -2.68 -7.62
N TYR B 200 -25.68 -2.66 -8.65
CA TYR B 200 -25.44 -3.43 -9.86
C TYR B 200 -24.59 -2.71 -10.89
N THR B 201 -24.02 -1.56 -10.55
CA THR B 201 -23.05 -0.91 -11.43
C THR B 201 -21.82 -0.56 -10.60
N VAL B 202 -20.66 -0.98 -11.09
CA VAL B 202 -19.40 -0.82 -10.37
C VAL B 202 -18.41 -0.07 -11.27
N SER B 203 -17.35 0.45 -10.65
CA SER B 203 -16.40 1.30 -11.35
C SER B 203 -14.98 0.79 -11.17
N ILE B 204 -14.14 1.03 -12.18
CA ILE B 204 -12.75 0.59 -12.19
C ILE B 204 -11.86 1.81 -12.36
N THR B 205 -10.68 1.78 -11.75
CA THR B 205 -9.70 2.85 -11.90
C THR B 205 -8.34 2.23 -12.19
N SER B 206 -7.68 2.72 -13.24
CA SER B 206 -6.36 2.23 -13.63
C SER B 206 -5.37 3.39 -13.62
N PRO B 207 -4.28 3.29 -12.86
CA PRO B 207 -3.28 4.37 -12.89
C PRO B 207 -2.50 4.44 -14.19
N GLU B 208 -2.40 3.33 -14.93
CA GLU B 208 -1.64 3.32 -16.17
C GLU B 208 -2.33 4.18 -17.22
N LYS B 209 -1.57 4.48 -18.28
CA LYS B 209 -2.10 5.34 -19.35
C LYS B 209 -3.24 4.66 -20.09
N ILE B 210 -3.14 3.35 -20.31
CA ILE B 210 -4.19 2.57 -20.95
C ILE B 210 -4.38 1.28 -20.14
N MET B 211 -5.54 0.66 -20.32
CA MET B 211 -5.86 -0.55 -19.59
C MET B 211 -6.91 -1.34 -20.36
N GLY B 212 -6.94 -2.64 -20.10
CA GLY B 212 -7.89 -3.52 -20.75
C GLY B 212 -8.71 -4.30 -19.74
N TYR B 213 -9.95 -4.59 -20.11
CA TYR B 213 -10.82 -5.39 -19.26
C TYR B 213 -11.90 -6.02 -20.13
N LEU B 214 -12.58 -7.01 -19.55
CA LEU B 214 -13.71 -7.69 -20.19
C LEU B 214 -14.30 -8.71 -19.22
N ILE B 215 -15.61 -8.89 -19.26
CA ILE B 215 -16.25 -9.98 -18.54
C ILE B 215 -16.26 -11.20 -19.45
N LYS B 216 -16.03 -12.37 -18.87
CA LYS B 216 -15.97 -13.60 -19.67
C LYS B 216 -16.07 -14.79 -18.74
N LYS B 217 -17.09 -15.62 -18.94
CA LYS B 217 -17.15 -16.91 -18.26
C LYS B 217 -16.09 -17.83 -18.85
N PRO B 218 -15.67 -18.85 -18.09
CA PRO B 218 -14.62 -19.75 -18.59
C PRO B 218 -14.99 -20.37 -19.93
N GLY B 219 -14.05 -20.31 -20.87
CA GLY B 219 -14.22 -20.88 -22.18
C GLY B 219 -15.08 -20.09 -23.14
N GLU B 220 -15.65 -18.96 -22.71
CA GLU B 220 -16.47 -18.16 -23.60
C GLU B 220 -15.63 -17.59 -24.74
N ASN B 221 -16.14 -17.71 -25.96
CA ASN B 221 -15.44 -17.23 -27.14
C ASN B 221 -15.34 -15.71 -27.09
N VAL B 222 -14.12 -15.21 -26.95
CA VAL B 222 -13.85 -13.77 -26.84
C VAL B 222 -12.63 -13.48 -27.71
N GLU B 223 -12.88 -13.05 -28.95
CA GLU B 223 -11.81 -12.67 -29.86
C GLU B 223 -11.58 -11.17 -29.90
N HIS B 224 -12.65 -10.37 -29.81
CA HIS B 224 -12.51 -8.91 -29.81
C HIS B 224 -13.48 -8.23 -28.86
N LYS B 225 -14.04 -8.96 -27.89
CA LYS B 225 -15.01 -8.37 -26.97
C LYS B 225 -14.35 -7.44 -25.94
N VAL B 226 -13.04 -7.25 -25.99
CA VAL B 226 -12.36 -6.41 -25.00
C VAL B 226 -12.86 -4.97 -25.11
N ILE B 227 -12.60 -4.20 -24.06
CA ILE B 227 -13.00 -2.79 -23.99
C ILE B 227 -11.78 -1.96 -23.61
N SER B 228 -11.36 -1.07 -24.49
CA SER B 228 -10.24 -0.19 -24.21
C SER B 228 -10.60 0.75 -23.06
N PHE B 229 -9.74 0.81 -22.06
CA PHE B 229 -10.06 1.42 -20.77
C PHE B 229 -8.95 2.36 -20.35
N SER B 230 -9.31 3.61 -20.06
CA SER B 230 -8.37 4.61 -19.57
C SER B 230 -9.02 5.42 -18.47
N GLY B 231 -8.20 5.92 -17.55
CA GLY B 231 -8.74 6.70 -16.46
C GLY B 231 -9.59 5.83 -15.55
N SER B 232 -10.82 6.30 -15.30
CA SER B 232 -11.77 5.56 -14.47
C SER B 232 -13.12 5.55 -15.17
N ALA B 233 -13.75 4.37 -15.22
CA ALA B 233 -15.06 4.22 -15.85
C ALA B 233 -15.87 3.20 -15.07
N SER B 234 -17.15 3.10 -15.41
CA SER B 234 -18.09 2.23 -14.72
C SER B 234 -18.63 1.17 -15.68
N ILE B 235 -19.42 0.25 -15.13
CA ILE B 235 -19.90 -0.92 -15.87
C ILE B 235 -21.33 -1.22 -15.45
N THR B 236 -22.17 -1.56 -16.43
CA THR B 236 -23.52 -2.06 -16.19
C THR B 236 -23.63 -3.48 -16.75
N PHE B 237 -24.28 -4.36 -16.01
CA PHE B 237 -24.28 -5.79 -16.31
C PHE B 237 -25.47 -6.17 -17.19
N THR B 238 -25.45 -7.44 -17.63
CA THR B 238 -26.50 -8.02 -18.46
C THR B 238 -27.00 -9.30 -17.80
N GLU B 239 -28.21 -9.72 -18.18
CA GLU B 239 -28.81 -10.92 -17.60
C GLU B 239 -27.94 -12.14 -17.82
N GLU B 240 -27.37 -12.28 -19.02
CA GLU B 240 -26.41 -13.37 -19.27
C GLU B 240 -25.22 -13.26 -18.32
N MET B 241 -24.66 -12.06 -18.21
CA MET B 241 -23.40 -11.87 -17.51
C MET B 241 -23.52 -11.96 -15.99
N LEU B 242 -24.74 -11.98 -15.45
CA LEU B 242 -24.92 -12.05 -14.01
C LEU B 242 -25.22 -13.46 -13.51
N ASP B 243 -25.08 -14.48 -14.35
CA ASP B 243 -25.13 -15.83 -13.83
C ASP B 243 -23.84 -16.11 -13.06
N GLY B 244 -23.90 -17.11 -12.18
CA GLY B 244 -22.76 -17.42 -11.33
C GLY B 244 -21.54 -17.92 -12.08
N GLU B 245 -21.66 -18.13 -13.39
CA GLU B 245 -20.56 -18.68 -14.18
C GLU B 245 -19.67 -17.62 -14.80
N HIS B 246 -20.23 -16.46 -15.15
CA HIS B 246 -19.43 -15.39 -15.74
C HIS B 246 -18.41 -14.86 -14.75
N ASN B 247 -17.31 -14.33 -15.29
CA ASN B 247 -16.20 -13.86 -14.48
C ASN B 247 -15.72 -12.51 -15.00
N LEU B 248 -15.41 -11.61 -14.06
CA LEU B 248 -14.88 -10.29 -14.39
C LEU B 248 -13.37 -10.37 -14.53
N LEU B 249 -12.85 -9.79 -15.61
CA LEU B 249 -11.42 -9.73 -15.85
C LEU B 249 -11.00 -8.29 -16.11
N CYS B 250 -9.89 -7.88 -15.49
CA CYS B 250 -9.37 -6.53 -15.66
C CYS B 250 -7.86 -6.60 -15.36
N GLY B 251 -7.08 -6.85 -16.40
CA GLY B 251 -5.63 -6.92 -16.25
C GLY B 251 -5.16 -7.96 -15.25
N ASP B 252 -4.59 -7.47 -14.15
CA ASP B 252 -3.94 -8.33 -13.17
C ASP B 252 -4.91 -8.94 -12.15
N LYS B 253 -6.21 -8.64 -12.25
CA LYS B 253 -7.18 -9.08 -11.26
C LYS B 253 -8.31 -9.87 -11.93
N SER B 254 -8.84 -10.83 -11.18
CA SER B 254 -9.97 -11.64 -11.62
C SER B 254 -11.08 -11.55 -10.58
N ALA B 255 -12.32 -11.70 -11.04
CA ALA B 255 -13.47 -11.61 -10.15
C ALA B 255 -14.61 -12.44 -10.72
N LYS B 256 -15.40 -13.02 -9.83
CA LYS B 256 -16.56 -13.83 -10.19
C LYS B 256 -17.84 -13.07 -9.84
N ILE B 257 -18.87 -13.29 -10.64
CA ILE B 257 -20.16 -12.62 -10.49
C ILE B 257 -21.13 -13.59 -9.82
N PRO B 258 -21.85 -13.17 -8.78
CA PRO B 258 -22.83 -14.06 -8.16
C PRO B 258 -24.08 -14.17 -9.02
N LYS B 259 -24.77 -15.31 -8.88
CA LYS B 259 -25.95 -15.59 -9.68
C LYS B 259 -27.18 -15.02 -8.98
N THR B 260 -27.84 -14.07 -9.65
CA THR B 260 -29.09 -13.53 -9.14
C THR B 260 -30.25 -14.44 -9.55
N ASN B 261 -31.12 -14.75 -8.59
CA ASN B 261 -32.30 -15.55 -8.89
C ASN B 261 -33.13 -14.87 -9.96
N LYS B 262 -33.59 -15.67 -10.94
CA LYS B 262 -34.41 -15.12 -12.02
C LYS B 262 -35.70 -14.51 -11.52
N ARG B 263 -36.13 -14.86 -10.30
CA ARG B 263 -37.27 -14.20 -9.70
C ARG B 263 -36.90 -12.82 -9.14
N VAL B 264 -35.63 -12.63 -8.79
CA VAL B 264 -35.16 -11.29 -8.45
C VAL B 264 -34.78 -10.50 -9.69
N ARG B 265 -34.51 -11.18 -10.81
CA ARG B 265 -34.16 -10.50 -12.04
C ARG B 265 -35.33 -9.70 -12.60
N ASP B 266 -36.55 -10.24 -12.48
CA ASP B 266 -37.72 -9.57 -13.06
C ASP B 266 -38.02 -8.25 -12.36
N CYS B 267 -37.52 -8.02 -11.15
CA CYS B 267 -37.72 -6.73 -10.51
C CYS B 267 -36.71 -5.70 -10.97
N ILE B 268 -35.43 -6.08 -11.04
CA ILE B 268 -34.41 -5.16 -11.54
C ILE B 268 -34.72 -4.77 -12.98
N ILE B 269 -35.40 -5.65 -13.72
CA ILE B 269 -35.90 -5.29 -15.04
C ILE B 269 -36.89 -4.13 -14.94
N LYS B 270 -37.58 -4.00 -13.80
CA LYS B 270 -38.54 -2.93 -13.55
C LYS B 270 -39.69 -2.96 -14.53
N ASP C 74 -22.24 37.05 14.34
CA ASP C 74 -21.13 36.40 15.01
C ASP C 74 -19.79 36.89 14.46
N LEU C 75 -19.20 37.89 15.12
CA LEU C 75 -17.95 38.51 14.69
C LEU C 75 -16.89 38.30 15.75
N PRO C 76 -16.17 37.16 15.72
CA PRO C 76 -14.95 37.03 16.53
C PRO C 76 -13.76 37.78 15.95
N ASN C 77 -14.01 38.61 14.93
CA ASN C 77 -12.95 39.37 14.27
C ASN C 77 -12.19 40.24 15.26
N ASN C 78 -12.85 40.62 16.36
CA ASN C 78 -12.28 41.60 17.27
C ASN C 78 -10.93 41.16 17.82
N CYS C 79 -10.74 39.86 18.03
CA CYS C 79 -9.49 39.37 18.60
C CYS C 79 -8.47 38.98 17.54
N LEU C 80 -8.74 39.28 16.26
CA LEU C 80 -7.66 39.30 15.28
C LEU C 80 -6.89 40.60 15.39
N ASN C 81 -7.61 41.72 15.40
CA ASN C 81 -7.01 43.03 15.67
C ASN C 81 -6.50 43.07 17.09
N ALA C 82 -5.19 42.88 17.27
CA ALA C 82 -4.59 42.80 18.60
C ALA C 82 -3.96 44.11 19.03
N SER C 83 -3.27 44.82 18.14
CA SER C 83 -2.64 46.08 18.51
C SER C 83 -3.66 47.11 18.94
N SER C 84 -4.89 47.03 18.42
CA SER C 84 -5.89 48.05 18.70
C SER C 84 -6.35 47.99 20.15
N LEU C 85 -6.65 46.81 20.66
CA LEU C 85 -7.37 46.66 21.91
C LEU C 85 -6.44 46.25 23.04
N LYS C 86 -6.92 46.45 24.27
CA LYS C 86 -6.19 46.04 25.46
C LYS C 86 -6.21 44.53 25.57
N CYS C 87 -5.05 43.90 25.44
CA CYS C 87 -4.93 42.44 25.45
C CYS C 87 -3.88 42.02 26.47
N GLU C 88 -4.03 40.81 26.98
CA GLU C 88 -3.10 40.27 27.98
C GLU C 88 -2.73 38.84 27.60
N ILE C 89 -1.50 38.65 27.13
CA ILE C 89 -1.01 37.33 26.76
C ILE C 89 -0.97 36.44 27.99
N LYS C 90 -1.87 35.47 28.06
CA LYS C 90 -1.98 34.59 29.21
C LYS C 90 -1.07 33.37 29.10
N GLY C 91 -0.83 32.88 27.89
CA GLY C 91 -0.02 31.68 27.71
C GLY C 91 0.86 31.68 26.49
N ILE C 92 2.06 31.11 26.62
CA ILE C 92 3.01 30.98 25.52
C ILE C 92 3.47 29.53 25.49
N SER C 93 2.99 28.78 24.50
CA SER C 93 3.35 27.38 24.37
C SER C 93 4.55 27.25 23.44
N THR C 94 4.91 26.00 23.09
CA THR C 94 6.00 25.77 22.17
C THR C 94 5.62 26.10 20.73
N TYR C 95 4.33 26.05 20.39
CA TYR C 95 3.90 26.21 19.01
C TYR C 95 2.73 27.17 18.80
N ASN C 96 1.99 27.55 19.85
CA ASN C 96 0.93 28.53 19.71
C ASN C 96 0.88 29.39 20.96
N VAL C 97 0.05 30.44 20.91
CA VAL C 97 -0.03 31.45 21.95
C VAL C 97 -1.49 31.66 22.34
N TYR C 98 -1.74 31.83 23.63
CA TYR C 98 -3.07 32.05 24.17
C TYR C 98 -3.16 33.46 24.74
N TYR C 99 -4.21 34.18 24.37
CA TYR C 99 -4.42 35.53 24.88
C TYR C 99 -5.92 35.78 25.01
N GLN C 100 -6.27 36.88 25.65
CA GLN C 100 -7.65 37.35 25.70
C GLN C 100 -7.65 38.86 25.56
N VAL C 101 -8.33 39.36 24.54
CA VAL C 101 -8.40 40.79 24.29
C VAL C 101 -9.61 41.35 25.01
N GLU C 102 -9.51 42.61 25.42
CA GLU C 102 -10.59 43.32 26.10
C GLU C 102 -11.13 44.39 25.16
N ASN C 103 -12.33 44.17 24.65
CA ASN C 103 -12.96 45.09 23.71
C ASN C 103 -14.45 45.15 23.99
N ASN C 104 -15.02 46.35 23.88
CA ASN C 104 -16.44 46.58 24.12
C ASN C 104 -16.86 46.12 25.51
N GLY C 105 -15.95 46.19 26.48
CA GLY C 105 -16.24 45.77 27.82
C GLY C 105 -16.38 44.28 28.01
N VAL C 106 -15.91 43.47 27.06
CA VAL C 106 -16.01 42.02 27.11
C VAL C 106 -14.63 41.43 26.86
N ILE C 107 -14.37 40.29 27.50
CA ILE C 107 -13.11 39.57 27.35
C ILE C 107 -13.29 38.50 26.27
N TYR C 108 -12.37 38.47 25.31
CA TYR C 108 -12.41 37.55 24.18
C TYR C 108 -11.20 36.62 24.24
N SER C 109 -11.38 35.46 24.84
CA SER C 109 -10.30 34.47 24.90
C SER C 109 -10.01 33.94 23.50
N CYS C 110 -8.75 33.99 23.08
CA CYS C 110 -8.38 33.59 21.74
C CYS C 110 -6.99 32.97 21.72
N VAL C 111 -6.83 31.90 20.94
CA VAL C 111 -5.57 31.23 20.74
C VAL C 111 -5.20 31.32 19.27
N SER C 112 -3.92 31.52 18.98
CA SER C 112 -3.46 31.70 17.61
C SER C 112 -2.01 31.24 17.49
N ASP C 113 -1.47 31.37 16.28
CA ASP C 113 -0.10 30.96 15.98
C ASP C 113 0.69 31.99 15.18
N SER C 114 0.06 33.07 14.73
CA SER C 114 0.74 34.00 13.82
C SER C 114 1.85 34.76 14.53
N ALA C 115 1.65 35.11 15.80
CA ALA C 115 2.56 35.98 16.55
C ALA C 115 2.79 37.30 15.82
N GLU C 116 1.69 38.03 15.64
CA GLU C 116 1.67 39.24 14.83
C GLU C 116 0.78 40.28 15.48
N GLY C 117 1.30 41.50 15.63
CA GLY C 117 0.52 42.58 16.20
C GLY C 117 0.26 42.43 17.68
N LEU C 118 0.30 41.19 18.18
CA LEU C 118 0.13 40.90 19.60
C LEU C 118 1.29 41.40 20.44
N GLU C 119 2.28 42.06 19.82
CA GLU C 119 3.51 42.43 20.50
C GLU C 119 3.22 43.21 21.78
N LYS C 120 2.55 44.36 21.64
CA LYS C 120 2.32 45.26 22.76
C LYS C 120 0.96 44.98 23.42
N CYS C 121 0.79 43.74 23.88
CA CYS C 121 -0.35 43.45 24.75
C CYS C 121 0.08 43.63 26.20
N ASP C 122 -0.89 43.77 27.11
CA ASP C 122 -0.53 43.70 28.51
C ASP C 122 0.08 42.34 28.78
N ASN C 123 0.99 42.31 29.74
CA ASN C 123 2.18 41.47 29.68
C ASN C 123 2.28 40.52 28.51
N SER C 124 3.29 40.80 27.66
CA SER C 124 3.68 39.96 26.55
C SER C 124 5.19 40.08 26.42
N LEU C 125 5.93 39.03 26.77
CA LEU C 125 7.38 39.09 26.59
C LEU C 125 7.91 37.75 26.16
N ASN C 126 9.04 37.80 25.43
CA ASN C 126 9.73 36.60 24.98
C ASN C 126 8.85 35.79 24.06
N LEU C 127 7.79 36.42 23.59
CA LEU C 127 7.03 35.86 22.48
C LEU C 127 8.01 35.60 21.33
N PRO C 128 7.92 34.45 20.68
CA PRO C 128 8.89 34.11 19.65
C PRO C 128 8.88 35.11 18.52
N LYS C 129 9.98 35.14 17.77
CA LYS C 129 9.97 35.82 16.49
C LYS C 129 8.81 35.31 15.68
N ARG C 130 8.63 33.99 15.66
CA ARG C 130 7.55 33.37 14.92
C ARG C 130 7.39 31.93 15.39
N PHE C 131 6.15 31.47 15.46
CA PHE C 131 5.87 30.07 15.74
C PHE C 131 5.96 29.27 14.44
N SER C 132 6.83 28.28 14.41
CA SER C 132 6.92 27.40 13.25
C SER C 132 5.74 26.42 13.25
N LYS C 133 4.99 26.41 12.15
CA LYS C 133 3.81 25.56 12.02
C LYS C 133 4.20 24.19 11.46
N VAL C 134 3.85 23.14 12.19
CA VAL C 134 4.24 21.77 11.88
C VAL C 134 3.12 20.85 12.38
N PRO C 135 2.83 19.73 11.72
CA PRO C 135 1.80 18.80 12.24
C PRO C 135 2.25 18.16 13.55
N VAL C 136 1.49 18.40 14.61
CA VAL C 136 1.73 17.78 15.92
C VAL C 136 0.38 17.49 16.58
N ILE C 137 0.30 16.34 17.24
CA ILE C 137 -0.87 15.99 18.05
C ILE C 137 -0.39 15.73 19.47
N PRO C 138 -1.29 15.83 20.46
CA PRO C 138 -0.85 15.68 21.86
C PRO C 138 -0.39 14.27 22.21
N ILE C 139 0.10 14.11 23.43
CA ILE C 139 0.58 12.82 23.92
C ILE C 139 -0.60 12.08 24.56
N THR C 140 -0.85 10.86 24.06
CA THR C 140 -1.87 9.97 24.64
C THR C 140 -1.25 9.01 25.66
N LYS C 141 -0.37 8.12 25.20
CA LYS C 141 0.30 7.17 26.08
C LYS C 141 1.40 7.90 26.85
N LEU C 142 1.30 7.90 28.18
CA LEU C 142 2.23 8.66 29.01
C LEU C 142 3.64 8.09 29.02
N ASP C 143 3.83 6.86 28.53
CA ASP C 143 5.18 6.32 28.42
C ASP C 143 5.99 6.99 27.32
N ASN C 144 5.31 7.64 26.37
CA ASN C 144 5.98 8.29 25.24
C ASN C 144 6.43 9.71 25.57
N LYS C 145 6.20 10.19 26.80
CA LYS C 145 6.67 11.53 27.16
C LYS C 145 8.18 11.61 27.07
N ARG C 146 8.89 10.61 27.60
CA ARG C 146 10.34 10.62 27.51
C ARG C 146 10.81 10.35 26.09
N HIS C 147 10.02 9.63 25.30
CA HIS C 147 10.41 9.25 23.94
C HIS C 147 9.93 10.24 22.89
N PHE C 148 8.92 11.05 23.19
CA PHE C 148 8.35 11.99 22.21
C PHE C 148 8.08 13.33 22.88
N SER C 149 9.08 13.85 23.60
CA SER C 149 8.97 15.15 24.27
C SER C 149 9.19 16.29 23.26
N VAL C 150 8.28 16.39 22.30
CA VAL C 150 8.41 17.37 21.23
C VAL C 150 7.98 18.77 21.66
N GLY C 151 7.32 18.90 22.81
CA GLY C 151 6.98 20.21 23.34
C GLY C 151 5.54 20.27 23.79
N THR C 152 5.06 21.50 23.94
CA THR C 152 3.71 21.77 24.41
C THR C 152 2.93 22.55 23.36
N LYS C 153 1.61 22.57 23.51
CA LYS C 153 0.75 23.29 22.58
C LYS C 153 -0.62 23.46 23.20
N PHE C 154 -1.27 24.57 22.87
CA PHE C 154 -2.61 24.87 23.35
C PHE C 154 -3.66 24.21 22.46
N PHE C 155 -4.68 23.63 23.08
CA PHE C 155 -5.80 23.03 22.38
C PHE C 155 -7.10 23.44 23.07
N ILE C 156 -8.22 23.02 22.51
CA ILE C 156 -9.54 23.40 23.01
C ILE C 156 -10.17 22.18 23.67
N SER C 157 -10.52 22.32 24.94
CA SER C 157 -11.14 21.27 25.72
C SER C 157 -12.51 21.74 26.22
N GLU C 158 -13.21 20.85 26.92
CA GLU C 158 -14.45 21.19 27.61
C GLU C 158 -14.11 21.63 29.03
N SER C 159 -14.73 22.73 29.45
CA SER C 159 -14.44 23.28 30.77
C SER C 159 -14.92 22.32 31.86
N LEU C 160 -14.15 22.25 32.95
CA LEU C 160 -14.53 21.40 34.07
C LEU C 160 -15.86 21.83 34.66
N THR C 161 -16.03 23.13 34.88
CA THR C 161 -17.31 23.66 35.29
C THR C 161 -18.33 23.49 34.16
N GLN C 162 -19.60 23.68 34.50
CA GLN C 162 -20.65 23.46 33.51
C GLN C 162 -20.60 24.47 32.38
N ASP C 163 -20.12 25.68 32.64
CA ASP C 163 -20.02 26.71 31.61
C ASP C 163 -18.59 26.81 31.10
N ASN C 164 -18.47 27.23 29.84
CA ASN C 164 -17.18 27.35 29.17
C ASN C 164 -17.10 28.70 28.45
N TYR C 165 -15.88 29.08 28.09
CA TYR C 165 -15.68 30.33 27.38
C TYR C 165 -16.16 30.21 25.94
N PRO C 166 -16.52 31.35 25.32
CA PRO C 166 -16.40 31.46 23.85
C PRO C 166 -14.95 31.73 23.50
N ILE C 167 -14.33 30.82 22.75
CA ILE C 167 -12.92 30.93 22.39
C ILE C 167 -12.80 30.85 20.87
N THR C 168 -11.77 31.49 20.33
CA THR C 168 -11.48 31.45 18.90
C THR C 168 -10.10 30.82 18.70
N TYR C 169 -10.07 29.57 18.27
CA TYR C 169 -8.84 28.85 18.00
C TYR C 169 -8.40 29.15 16.58
N ASN C 170 -7.18 29.69 16.43
CA ASN C 170 -6.66 30.11 15.13
C ASN C 170 -7.65 31.01 14.41
N SER C 171 -8.23 30.52 13.32
CA SER C 171 -9.23 31.25 12.54
C SER C 171 -10.64 30.72 12.79
N TYR C 172 -10.85 30.00 13.90
CA TYR C 172 -12.10 29.29 14.12
C TYR C 172 -12.64 29.63 15.50
N PRO C 173 -13.91 30.02 15.61
CA PRO C 173 -14.50 30.30 16.93
C PRO C 173 -15.24 29.08 17.49
N THR C 174 -15.34 28.98 18.80
CA THR C 174 -15.99 27.83 19.43
C THR C 174 -16.27 28.17 20.89
N ASN C 175 -16.93 27.23 21.57
CA ASN C 175 -17.11 27.28 23.02
C ASN C 175 -16.28 26.17 23.66
N GLY C 176 -15.58 26.52 24.74
CA GLY C 176 -14.78 25.52 25.43
C GLY C 176 -13.88 26.18 26.46
N THR C 177 -12.92 25.39 26.94
CA THR C 177 -11.84 25.90 27.76
C THR C 177 -10.52 25.50 27.11
N VAL C 178 -9.48 26.29 27.39
CA VAL C 178 -8.17 26.01 26.82
C VAL C 178 -7.45 24.97 27.69
N SER C 179 -6.47 24.31 27.09
CA SER C 179 -5.69 23.31 27.80
C SER C 179 -4.32 23.19 27.14
N LEU C 180 -3.31 22.95 27.97
CA LEU C 180 -1.95 22.76 27.52
C LEU C 180 -1.53 21.32 27.76
N GLN C 181 -1.00 20.67 26.72
CA GLN C 181 -0.58 19.28 26.81
C GLN C 181 0.74 19.09 26.09
N THR C 182 1.52 18.13 26.57
CA THR C 182 2.69 17.70 25.82
C THR C 182 2.24 17.09 24.49
N VAL C 183 3.01 17.33 23.44
CA VAL C 183 2.62 16.89 22.11
C VAL C 183 3.73 16.03 21.51
N LYS C 184 3.34 15.14 20.61
CA LYS C 184 4.26 14.38 19.79
C LYS C 184 4.16 14.85 18.34
N LEU C 185 5.23 14.63 17.59
CA LEU C 185 5.23 14.98 16.18
C LEU C 185 4.18 14.15 15.44
N SER C 186 3.59 14.73 14.40
CA SER C 186 2.52 14.09 13.65
C SER C 186 2.72 14.34 12.16
N GLY C 187 1.91 13.64 11.36
CA GLY C 187 1.97 13.77 9.92
C GLY C 187 2.30 12.44 9.26
N ASP C 188 3.04 12.53 8.16
CA ASP C 188 3.41 11.35 7.37
C ASP C 188 4.78 11.59 6.77
N CYS C 189 5.79 10.93 7.32
CA CYS C 189 7.15 10.95 6.77
C CYS C 189 7.42 9.67 5.99
N LYS C 190 8.49 9.71 5.20
CA LYS C 190 9.04 8.54 4.52
C LYS C 190 10.51 8.44 4.91
N ILE C 191 10.77 7.66 5.97
CA ILE C 191 12.13 7.48 6.49
C ILE C 191 12.76 6.35 5.69
N THR C 192 13.63 6.71 4.75
CA THR C 192 14.31 5.75 3.89
C THR C 192 15.70 5.48 4.46
N LYS C 193 15.88 4.30 5.05
CA LYS C 193 17.19 3.86 5.52
C LYS C 193 18.01 3.21 4.41
N SER C 194 17.57 3.33 3.16
CA SER C 194 18.24 2.71 2.02
C SER C 194 19.27 3.61 1.37
N ASN C 195 19.95 4.46 2.14
CA ASN C 195 20.99 5.31 1.59
C ASN C 195 22.32 4.59 1.74
N PHE C 196 22.55 3.63 0.83
CA PHE C 196 23.77 2.84 0.86
C PHE C 196 24.98 3.71 0.55
N ALA C 197 24.90 4.51 -0.51
CA ALA C 197 25.94 5.48 -0.80
C ALA C 197 25.94 6.55 0.28
N ASN C 198 27.08 6.70 0.96
CA ASN C 198 27.22 7.61 2.10
C ASN C 198 26.17 7.27 3.14
N PRO C 199 26.28 6.14 3.84
CA PRO C 199 25.30 5.80 4.88
C PRO C 199 25.27 6.83 6.00
N TYR C 200 26.28 7.69 6.08
CA TYR C 200 26.26 8.85 6.97
C TYR C 200 24.94 9.60 6.88
N THR C 201 24.54 9.97 5.66
CA THR C 201 23.37 10.79 5.42
C THR C 201 22.17 9.93 5.05
N VAL C 202 20.98 10.51 5.19
CA VAL C 202 19.72 9.83 4.90
C VAL C 202 18.79 10.79 4.15
N SER C 203 17.73 10.23 3.58
CA SER C 203 16.74 10.97 2.82
C SER C 203 15.38 10.87 3.50
N ILE C 204 14.62 11.96 3.47
CA ILE C 204 13.29 12.01 4.07
C ILE C 204 12.37 12.79 3.14
N THR C 205 11.23 12.18 2.79
CA THR C 205 10.22 12.82 1.96
C THR C 205 8.88 12.73 2.66
N SER C 206 7.96 13.63 2.28
CA SER C 206 6.64 13.66 2.88
C SER C 206 5.64 14.26 1.89
N PRO C 207 4.48 13.65 1.70
CA PRO C 207 3.48 14.20 0.78
C PRO C 207 2.82 15.48 1.29
N GLU C 208 3.10 15.88 2.52
CA GLU C 208 2.38 16.99 3.13
C GLU C 208 2.91 18.32 2.64
N LYS C 209 2.19 19.39 2.98
CA LYS C 209 2.65 20.74 2.67
C LYS C 209 3.95 21.04 3.40
N ILE C 210 4.01 20.70 4.69
CA ILE C 210 5.21 20.92 5.49
C ILE C 210 5.21 19.87 6.60
N MET C 211 6.40 19.32 6.88
CA MET C 211 6.55 18.30 7.90
C MET C 211 7.75 18.61 8.78
N GLY C 212 7.60 18.37 10.08
CA GLY C 212 8.69 18.57 11.03
C GLY C 212 9.33 17.26 11.45
N TYR C 213 10.65 17.25 11.48
CA TYR C 213 11.44 16.15 12.01
C TYR C 213 12.34 16.66 13.12
N LEU C 214 12.96 15.72 13.84
CA LEU C 214 13.76 16.06 15.00
C LEU C 214 14.53 14.82 15.44
N ILE C 215 15.72 15.05 16.00
CA ILE C 215 16.57 13.99 16.54
C ILE C 215 16.69 14.22 18.04
N LYS C 216 16.32 13.20 18.82
CA LYS C 216 16.25 13.33 20.27
C LYS C 216 16.75 12.04 20.92
N LYS C 217 17.11 12.17 22.19
CA LYS C 217 17.36 11.02 23.06
C LYS C 217 16.37 11.06 24.22
N PRO C 218 16.03 9.91 24.79
CA PRO C 218 15.08 9.89 25.92
C PRO C 218 15.58 10.75 27.08
N GLY C 219 14.73 11.66 27.54
CA GLY C 219 15.07 12.54 28.62
C GLY C 219 15.63 13.88 28.22
N GLU C 220 15.73 14.17 26.92
CA GLU C 220 16.27 15.43 26.43
C GLU C 220 15.10 16.35 26.07
N ASN C 221 14.94 17.42 26.84
CA ASN C 221 13.95 18.44 26.54
C ASN C 221 14.44 19.27 25.37
N VAL C 222 13.65 19.32 24.29
CA VAL C 222 14.07 19.98 23.06
C VAL C 222 12.88 20.69 22.44
N GLU C 223 12.82 22.01 22.62
CA GLU C 223 11.68 22.79 22.15
C GLU C 223 11.91 23.37 20.75
N HIS C 224 13.04 24.02 20.53
CA HIS C 224 13.26 24.81 19.32
C HIS C 224 14.09 24.11 18.26
N LYS C 225 14.53 22.88 18.51
CA LYS C 225 15.27 22.13 17.49
C LYS C 225 14.35 21.27 16.63
N VAL C 226 13.16 21.76 16.31
CA VAL C 226 12.22 21.05 15.44
C VAL C 226 12.32 21.68 14.05
N ILE C 227 12.70 20.87 13.06
CA ILE C 227 12.99 21.35 11.72
C ILE C 227 11.87 20.92 10.79
N SER C 228 11.37 21.87 9.99
CA SER C 228 10.34 21.59 9.01
C SER C 228 10.99 21.48 7.64
N PHE C 229 10.78 20.36 6.95
CA PHE C 229 11.47 20.08 5.69
C PHE C 229 10.56 20.13 4.47
N SER C 230 9.27 20.35 4.66
CA SER C 230 8.29 20.49 3.56
C SER C 230 8.27 19.18 2.78
N GLY C 231 8.47 19.21 1.46
CA GLY C 231 8.34 18.03 0.60
C GLY C 231 9.41 16.96 0.75
N SER C 232 10.68 17.37 0.82
CA SER C 232 11.79 16.42 0.85
C SER C 232 12.88 16.98 1.74
N ALA C 233 13.81 16.11 2.16
CA ALA C 233 14.82 16.48 3.14
C ALA C 233 16.10 15.71 2.88
N SER C 234 17.17 16.17 3.53
CA SER C 234 18.47 15.52 3.51
C SER C 234 19.16 15.84 4.83
N ILE C 235 19.51 14.80 5.59
CA ILE C 235 19.98 14.97 6.96
C ILE C 235 21.38 14.39 7.10
N THR C 236 22.13 14.92 8.07
CA THR C 236 23.49 14.47 8.37
C THR C 236 23.63 14.30 9.89
N PHE C 237 24.24 13.20 10.29
CA PHE C 237 24.40 12.90 11.71
C PHE C 237 25.63 13.62 12.27
N THR C 238 25.78 13.55 13.59
CA THR C 238 26.93 14.12 14.29
C THR C 238 27.49 13.07 15.24
N GLU C 239 28.73 13.29 15.71
CA GLU C 239 29.40 12.35 16.59
C GLU C 239 28.52 12.01 17.79
N GLU C 240 28.18 13.01 18.59
CA GLU C 240 27.37 12.72 19.77
C GLU C 240 25.99 12.24 19.37
N MET C 241 25.47 12.76 18.24
CA MET C 241 24.25 12.21 17.65
C MET C 241 24.40 10.71 17.49
N LEU C 242 25.56 10.27 17.01
CA LEU C 242 25.86 8.86 16.96
C LEU C 242 26.16 8.29 18.34
N ASP C 243 25.23 8.45 19.29
CA ASP C 243 25.17 7.58 20.46
C ASP C 243 23.87 6.79 20.38
N GLY C 244 23.86 5.60 20.97
CA GLY C 244 22.74 4.69 20.70
C GLY C 244 21.41 5.21 21.19
N GLU C 245 21.41 5.89 22.33
CA GLU C 245 20.16 6.36 22.94
C GLU C 245 19.43 7.35 22.04
N HIS C 246 20.15 8.07 21.19
CA HIS C 246 19.51 9.07 20.34
C HIS C 246 18.51 8.41 19.39
N ASN C 247 17.40 9.11 19.15
CA ASN C 247 16.33 8.63 18.29
C ASN C 247 15.98 9.72 17.29
N LEU C 248 15.39 9.31 16.17
CA LEU C 248 14.91 10.24 15.15
C LEU C 248 13.39 10.25 15.15
N LEU C 249 12.82 11.44 15.27
CA LEU C 249 11.37 11.62 15.28
C LEU C 249 10.99 12.41 14.03
N CYS C 250 10.36 11.74 13.07
CA CYS C 250 9.86 12.37 11.85
C CYS C 250 8.35 12.21 11.85
N GLY C 251 7.68 13.10 12.55
CA GLY C 251 6.23 13.04 12.63
C GLY C 251 5.73 11.83 13.38
N ASP C 252 5.01 10.95 12.67
CA ASP C 252 4.36 9.80 13.28
C ASP C 252 5.28 8.59 13.40
N LYS C 253 6.44 8.61 12.75
CA LYS C 253 7.36 7.48 12.80
C LYS C 253 8.51 7.76 13.76
N SER C 254 8.98 6.69 14.40
CA SER C 254 10.07 6.75 15.36
C SER C 254 11.19 5.82 14.90
N ALA C 255 12.41 6.34 14.89
CA ALA C 255 13.58 5.59 14.43
C ALA C 255 14.65 5.56 15.51
N LYS C 256 15.51 4.55 15.43
CA LYS C 256 16.60 4.36 16.37
C LYS C 256 17.92 4.40 15.60
N ILE C 257 18.75 5.41 15.88
CA ILE C 257 20.04 5.51 15.21
C ILE C 257 21.10 4.81 16.05
N PRO C 258 21.92 3.95 15.47
CA PRO C 258 22.87 3.16 16.28
C PRO C 258 24.20 3.85 16.47
N LYS C 259 24.62 4.02 17.73
CA LYS C 259 25.98 4.44 18.00
C LYS C 259 26.95 3.46 17.35
N THR C 260 27.91 4.01 16.61
CA THR C 260 28.96 3.18 16.06
C THR C 260 30.04 2.99 17.11
N ASN C 261 31.17 2.42 16.72
CA ASN C 261 32.30 2.26 17.63
C ASN C 261 33.19 3.49 17.58
N LYS C 262 33.83 3.78 18.72
CA LYS C 262 34.77 4.89 18.77
C LYS C 262 35.94 4.71 17.82
N ARG C 263 36.14 3.50 17.29
CA ARG C 263 37.17 3.23 16.28
C ARG C 263 36.72 3.58 14.87
N VAL C 264 35.43 3.84 14.66
CA VAL C 264 34.91 4.11 13.32
C VAL C 264 34.81 5.61 13.05
N ARG C 265 34.31 6.36 14.05
CA ARG C 265 34.09 7.79 13.88
C ARG C 265 35.34 8.51 13.36
N ASP C 266 36.52 8.06 13.79
CA ASP C 266 37.76 8.70 13.36
C ASP C 266 38.04 8.45 11.89
N CYS C 267 37.77 7.23 11.42
CA CYS C 267 38.02 6.91 10.01
C CYS C 267 37.02 7.59 9.08
N ILE C 268 35.87 7.99 9.58
CA ILE C 268 34.88 8.67 8.74
C ILE C 268 35.36 10.07 8.39
N ILE C 269 35.94 10.79 9.36
CA ILE C 269 36.41 12.14 9.10
C ILE C 269 37.56 12.10 8.10
N LYS C 270 37.63 13.11 7.26
CA LYS C 270 38.63 13.17 6.20
C LYS C 270 40.02 13.39 6.79
N PRO D 76 3.19 5.31 44.27
CA PRO D 76 2.25 4.87 45.31
C PRO D 76 0.79 5.07 44.93
N ASN D 77 0.32 4.49 43.83
CA ASN D 77 -1.11 4.56 43.54
C ASN D 77 -1.83 3.66 44.54
N ASN D 78 -2.38 4.26 45.58
CA ASN D 78 -3.18 3.53 46.54
C ASN D 78 -4.63 3.38 46.08
N CYS D 79 -4.96 3.85 44.88
CA CYS D 79 -6.34 3.93 44.43
C CYS D 79 -6.73 2.77 43.52
N LEU D 80 -6.04 1.64 43.61
CA LEU D 80 -6.65 0.40 43.14
C LEU D 80 -7.47 -0.22 44.27
N ASN D 81 -6.88 -0.31 45.46
CA ASN D 81 -7.67 -0.52 46.67
C ASN D 81 -8.57 0.69 46.83
N ALA D 82 -9.78 0.61 46.26
CA ALA D 82 -10.66 1.76 46.17
C ALA D 82 -11.70 1.79 47.28
N SER D 83 -12.78 1.01 47.10
CA SER D 83 -13.93 1.04 48.01
C SER D 83 -13.54 0.85 49.48
N SER D 84 -12.38 0.24 49.74
CA SER D 84 -11.92 0.09 51.11
C SER D 84 -11.87 1.42 51.84
N LEU D 85 -11.70 2.52 51.10
CA LEU D 85 -11.78 3.86 51.66
C LEU D 85 -12.65 4.72 50.76
N LYS D 86 -13.47 5.57 51.38
CA LYS D 86 -14.53 6.28 50.67
C LYS D 86 -13.96 7.29 49.67
N CYS D 87 -14.77 7.58 48.64
CA CYS D 87 -14.36 8.54 47.62
C CYS D 87 -15.57 9.28 47.07
N GLU D 88 -15.28 10.37 46.35
CA GLU D 88 -16.27 11.13 45.60
C GLU D 88 -15.79 11.18 44.15
N ILE D 89 -16.51 10.51 43.26
CA ILE D 89 -16.28 10.68 41.84
C ILE D 89 -16.55 12.15 41.47
N LYS D 90 -15.78 12.67 40.52
CA LYS D 90 -15.97 14.04 40.06
C LYS D 90 -16.38 14.15 38.60
N GLY D 91 -16.26 13.09 37.82
CA GLY D 91 -16.65 13.14 36.42
C GLY D 91 -16.74 11.79 35.76
N ILE D 92 -17.63 11.66 34.79
CA ILE D 92 -17.83 10.42 34.05
C ILE D 92 -17.88 10.75 32.56
N SER D 93 -16.92 10.23 31.81
CA SER D 93 -16.87 10.43 30.37
C SER D 93 -17.50 9.23 29.66
N THR D 94 -17.25 9.10 28.35
CA THR D 94 -17.77 7.98 27.60
C THR D 94 -16.85 6.76 27.65
N TYR D 95 -15.55 6.97 27.85
CA TYR D 95 -14.58 5.89 27.80
C TYR D 95 -13.75 5.72 29.06
N ASN D 96 -13.86 6.64 30.03
CA ASN D 96 -13.16 6.49 31.30
C ASN D 96 -13.86 7.35 32.34
N VAL D 97 -13.40 7.21 33.59
CA VAL D 97 -14.00 7.90 34.73
C VAL D 97 -12.90 8.61 35.51
N TYR D 98 -13.28 9.68 36.20
CA TYR D 98 -12.35 10.48 37.00
C TYR D 98 -12.84 10.50 38.43
N TYR D 99 -12.01 9.98 39.35
CA TYR D 99 -12.38 9.90 40.76
C TYR D 99 -11.16 10.24 41.61
N GLN D 100 -11.41 10.80 42.79
CA GLN D 100 -10.39 11.08 43.77
C GLN D 100 -10.69 10.33 45.06
N VAL D 101 -9.66 9.76 45.67
CA VAL D 101 -9.83 9.04 46.93
C VAL D 101 -9.05 9.77 48.03
N GLU D 102 -9.17 9.29 49.27
CA GLU D 102 -8.49 9.92 50.39
C GLU D 102 -8.30 8.89 51.49
N ASN D 103 -7.03 8.61 51.82
CA ASN D 103 -6.66 7.63 52.83
C ASN D 103 -6.25 8.29 54.14
N ASN D 104 -5.06 8.89 54.17
CA ASN D 104 -4.55 9.58 55.34
C ASN D 104 -4.73 11.10 55.21
N GLY D 105 -5.89 11.54 54.75
CA GLY D 105 -6.08 12.93 54.41
C GLY D 105 -5.45 13.29 53.09
N VAL D 106 -5.41 12.33 52.16
CA VAL D 106 -4.60 12.40 50.95
C VAL D 106 -5.53 12.39 49.74
N ILE D 107 -5.80 13.56 49.18
CA ILE D 107 -6.63 13.64 47.99
C ILE D 107 -5.85 13.07 46.81
N TYR D 108 -6.13 11.82 46.46
CA TYR D 108 -5.48 11.14 45.34
C TYR D 108 -6.40 11.23 44.13
N SER D 109 -6.14 12.20 43.27
CA SER D 109 -6.84 12.24 41.99
C SER D 109 -6.41 11.05 41.14
N CYS D 110 -7.38 10.30 40.64
CA CYS D 110 -7.10 9.12 39.83
C CYS D 110 -8.06 9.08 38.65
N VAL D 111 -7.56 8.59 37.52
CA VAL D 111 -8.38 8.39 36.32
C VAL D 111 -8.29 6.92 35.93
N SER D 112 -9.43 6.25 35.89
CA SER D 112 -9.51 4.84 35.60
C SER D 112 -10.47 4.59 34.45
N ASP D 113 -10.46 3.36 33.94
CA ASP D 113 -11.37 2.96 32.89
C ASP D 113 -11.93 1.56 33.15
N SER D 114 -12.02 1.16 34.42
CA SER D 114 -12.61 -0.12 34.78
C SER D 114 -14.02 0.02 35.35
N ALA D 115 -14.37 1.19 35.89
CA ALA D 115 -15.69 1.44 36.47
C ALA D 115 -16.04 0.40 37.54
N GLU D 116 -15.03 -0.08 38.26
CA GLU D 116 -15.19 -1.17 39.20
C GLU D 116 -14.92 -0.69 40.61
N GLY D 117 -15.66 -1.24 41.56
CA GLY D 117 -15.47 -0.91 42.97
C GLY D 117 -16.08 0.42 43.35
N LEU D 118 -16.37 1.26 42.36
CA LEU D 118 -16.87 2.60 42.60
C LEU D 118 -18.37 2.63 42.81
N GLU D 119 -19.05 1.48 42.83
CA GLU D 119 -20.50 1.46 43.04
C GLU D 119 -20.89 1.97 44.42
N LYS D 120 -19.99 1.91 45.40
CA LYS D 120 -20.21 2.55 46.68
C LYS D 120 -19.71 3.99 46.71
N CYS D 121 -18.72 4.30 45.89
CA CYS D 121 -18.22 5.67 45.74
C CYS D 121 -19.38 6.59 45.35
N ASP D 122 -19.27 7.84 45.76
CA ASP D 122 -20.33 8.80 45.53
C ASP D 122 -20.51 9.08 44.04
N ASN D 123 -21.75 9.34 43.65
CA ASN D 123 -22.10 9.68 42.26
C ASN D 123 -21.82 8.51 41.32
N SER D 124 -22.24 7.31 41.73
CA SER D 124 -22.08 6.11 40.92
C SER D 124 -23.37 5.69 40.23
N LEU D 125 -24.39 6.56 40.25
CA LEU D 125 -25.68 6.20 39.66
C LEU D 125 -25.56 6.06 38.15
N ASN D 126 -25.09 7.10 37.47
CA ASN D 126 -24.96 7.09 36.02
C ASN D 126 -23.70 6.36 35.55
N LEU D 127 -22.90 5.84 36.46
CA LEU D 127 -21.69 5.10 36.12
C LEU D 127 -22.06 3.87 35.28
N PRO D 128 -21.61 3.79 34.03
CA PRO D 128 -22.04 2.68 33.17
C PRO D 128 -21.55 1.33 33.69
N LYS D 129 -22.14 0.27 33.14
CA LYS D 129 -21.76 -1.09 33.54
C LYS D 129 -20.32 -1.38 33.17
N ARG D 130 -19.86 -0.88 32.03
CA ARG D 130 -18.49 -1.08 31.59
C ARG D 130 -18.18 -0.05 30.49
N PHE D 131 -16.90 0.26 30.35
CA PHE D 131 -16.42 1.10 29.26
C PHE D 131 -15.93 0.21 28.11
N SER D 132 -15.74 0.84 26.96
CA SER D 132 -15.31 0.12 25.77
C SER D 132 -13.80 0.01 25.64
N LYS D 133 -13.06 0.99 26.16
CA LYS D 133 -11.60 1.00 26.14
C LYS D 133 -11.05 0.93 24.71
N VAL D 134 -11.84 1.39 23.74
CA VAL D 134 -11.47 1.32 22.33
C VAL D 134 -10.37 2.33 22.04
N PRO D 135 -9.60 2.16 20.96
CA PRO D 135 -8.52 3.12 20.66
C PRO D 135 -9.09 4.46 20.22
N VAL D 136 -8.73 5.52 20.95
CA VAL D 136 -9.24 6.85 20.69
C VAL D 136 -8.14 7.87 20.98
N ILE D 137 -7.99 8.85 20.08
CA ILE D 137 -7.11 9.99 20.31
C ILE D 137 -7.94 11.26 20.20
N PRO D 138 -7.55 12.37 20.85
CA PRO D 138 -8.42 13.55 20.86
C PRO D 138 -8.51 14.27 19.53
N ILE D 139 -9.22 15.40 19.52
CA ILE D 139 -9.51 16.16 18.31
C ILE D 139 -8.60 17.38 18.26
N THR D 140 -7.96 17.60 17.12
CA THR D 140 -7.14 18.79 16.89
C THR D 140 -7.83 19.75 15.92
N LYS D 141 -8.14 19.30 14.71
CA LYS D 141 -8.87 20.12 13.76
C LYS D 141 -10.31 20.27 14.21
N LEU D 142 -10.75 21.52 14.42
CA LEU D 142 -12.09 21.77 14.94
C LEU D 142 -13.19 21.65 13.90
N ASP D 143 -12.84 21.39 12.63
CA ASP D 143 -13.85 21.17 11.61
C ASP D 143 -14.46 19.78 11.67
N ASN D 144 -13.89 18.87 12.48
CA ASN D 144 -14.33 17.49 12.53
C ASN D 144 -15.22 17.19 13.74
N LYS D 145 -15.53 18.20 14.56
CA LYS D 145 -16.39 17.97 15.72
C LYS D 145 -17.78 17.52 15.32
N ARG D 146 -18.18 17.76 14.08
CA ARG D 146 -19.48 17.30 13.58
C ARG D 146 -19.38 15.97 12.83
N HIS D 147 -18.23 15.69 12.21
CA HIS D 147 -18.05 14.50 11.39
C HIS D 147 -17.42 13.34 12.17
N PHE D 148 -16.33 13.60 12.90
CA PHE D 148 -15.54 12.56 13.53
C PHE D 148 -15.80 12.42 15.03
N SER D 149 -16.80 13.12 15.57
CA SER D 149 -17.09 13.05 16.99
C SER D 149 -17.52 11.64 17.39
N VAL D 150 -16.91 11.10 18.44
CA VAL D 150 -17.19 9.71 18.80
C VAL D 150 -17.45 9.62 20.29
N GLY D 151 -17.10 10.65 21.04
CA GLY D 151 -17.42 10.68 22.46
C GLY D 151 -16.38 11.48 23.23
N THR D 152 -16.60 11.51 24.54
CA THR D 152 -15.76 12.26 25.47
C THR D 152 -14.86 11.31 26.26
N LYS D 153 -13.64 11.77 26.52
CA LYS D 153 -12.69 10.98 27.29
C LYS D 153 -11.74 11.92 28.02
N PHE D 154 -11.38 11.55 29.25
CA PHE D 154 -10.46 12.36 30.05
C PHE D 154 -9.02 12.11 29.62
N PHE D 155 -8.19 13.13 29.81
CA PHE D 155 -6.77 13.03 29.52
C PHE D 155 -6.01 13.90 30.51
N ILE D 156 -4.71 13.67 30.59
CA ILE D 156 -3.85 14.32 31.57
C ILE D 156 -3.12 15.46 30.87
N SER D 157 -3.58 16.68 31.11
CA SER D 157 -2.96 17.87 30.58
C SER D 157 -1.92 18.37 31.58
N GLU D 158 -1.41 19.58 31.35
CA GLU D 158 -0.53 20.26 32.28
C GLU D 158 -1.25 21.51 32.77
N SER D 159 -1.29 21.70 34.09
CA SER D 159 -2.14 22.71 34.68
C SER D 159 -1.75 24.11 34.19
N LEU D 160 -2.76 24.98 34.08
CA LEU D 160 -2.51 26.35 33.66
C LEU D 160 -1.67 27.09 34.69
N THR D 161 -2.00 26.93 35.97
CA THR D 161 -1.12 27.40 37.03
C THR D 161 0.15 26.55 37.06
N GLN D 162 1.13 27.00 37.86
CA GLN D 162 2.42 26.32 37.85
C GLN D 162 2.36 24.99 38.59
N ASP D 163 1.64 24.95 39.71
CA ASP D 163 1.52 23.71 40.47
C ASP D 163 0.57 22.75 39.77
N ASN D 164 0.99 21.49 39.68
CA ASN D 164 0.29 20.47 38.91
C ASN D 164 0.20 19.23 39.80
N TYR D 165 -0.93 19.07 40.47
CA TYR D 165 -1.12 18.01 41.44
C TYR D 165 -0.83 16.65 40.81
N PRO D 166 -0.27 15.71 41.56
CA PRO D 166 -0.11 14.36 41.03
C PRO D 166 -1.45 13.66 40.88
N ILE D 167 -1.53 12.82 39.85
CA ILE D 167 -2.69 11.96 39.61
C ILE D 167 -2.18 10.60 39.16
N THR D 168 -3.11 9.62 39.00
CA THR D 168 -2.77 8.28 38.54
C THR D 168 -3.69 7.90 37.37
N TYR D 169 -3.29 8.26 36.16
CA TYR D 169 -4.06 7.92 34.96
C TYR D 169 -3.91 6.45 34.65
N ASN D 170 -5.04 5.76 34.49
CA ASN D 170 -5.06 4.30 34.33
C ASN D 170 -4.27 3.64 35.45
N SER D 171 -3.18 2.98 35.09
CA SER D 171 -2.28 2.38 36.06
C SER D 171 -0.99 3.19 36.23
N TYR D 172 -0.93 4.40 35.66
CA TYR D 172 0.29 5.18 35.59
C TYR D 172 0.14 6.47 36.37
N PRO D 173 1.03 6.77 37.32
CA PRO D 173 0.94 8.04 38.05
C PRO D 173 1.83 9.14 37.49
N THR D 174 1.41 10.40 37.61
CA THR D 174 2.17 11.55 37.14
C THR D 174 1.52 12.81 37.69
N ASN D 175 2.30 13.89 37.72
CA ASN D 175 1.73 15.21 37.97
C ASN D 175 0.95 15.69 36.77
N GLY D 176 0.14 16.73 36.99
CA GLY D 176 -0.51 17.41 35.90
C GLY D 176 -1.90 17.86 36.30
N THR D 177 -2.73 18.08 35.28
CA THR D 177 -4.13 18.41 35.49
C THR D 177 -4.97 17.60 34.52
N VAL D 178 -6.18 17.26 34.96
CA VAL D 178 -7.11 16.53 34.13
C VAL D 178 -7.90 17.51 33.27
N SER D 179 -8.29 17.06 32.09
CA SER D 179 -9.08 17.89 31.18
C SER D 179 -9.92 16.97 30.29
N LEU D 180 -11.12 17.43 29.96
CA LEU D 180 -12.06 16.65 29.17
C LEU D 180 -12.17 17.25 27.76
N GLN D 181 -12.18 16.37 26.76
CA GLN D 181 -12.33 16.80 25.38
C GLN D 181 -12.93 15.66 24.57
N THR D 182 -13.66 16.03 23.51
CA THR D 182 -14.15 15.03 22.57
C THR D 182 -12.97 14.41 21.82
N VAL D 183 -13.19 13.19 21.31
CA VAL D 183 -12.11 12.42 20.70
C VAL D 183 -12.59 11.82 19.38
N LYS D 184 -11.62 11.36 18.60
CA LYS D 184 -11.84 10.53 17.43
C LYS D 184 -11.36 9.12 17.72
N LEU D 185 -11.62 8.21 16.80
CA LEU D 185 -11.14 6.84 16.91
C LEU D 185 -9.76 6.71 16.27
N SER D 186 -8.87 5.98 16.94
CA SER D 186 -7.52 5.75 16.45
C SER D 186 -7.34 4.29 16.06
N GLY D 187 -6.15 3.98 15.57
CA GLY D 187 -5.82 2.63 15.17
C GLY D 187 -5.79 2.45 13.66
N ASP D 188 -5.86 1.19 13.24
CA ASP D 188 -5.81 0.83 11.82
C ASP D 188 -6.93 -0.15 11.51
N CYS D 189 -7.82 0.25 10.61
CA CYS D 189 -8.78 -0.65 9.98
C CYS D 189 -8.46 -0.78 8.51
N LYS D 190 -8.96 -1.85 7.91
CA LYS D 190 -8.96 -1.99 6.45
C LYS D 190 -10.38 -2.34 6.03
N ILE D 191 -11.04 -1.37 5.40
CA ILE D 191 -12.40 -1.56 4.88
C ILE D 191 -12.39 -2.79 3.97
N THR D 192 -13.15 -3.81 4.33
CA THR D 192 -13.33 -4.95 3.43
C THR D 192 -14.28 -4.49 2.35
N LYS D 193 -13.72 -3.85 1.34
CA LYS D 193 -14.44 -3.68 0.10
C LYS D 193 -14.47 -5.07 -0.53
N SER D 194 -13.76 -5.99 0.12
CA SER D 194 -13.62 -7.37 -0.34
C SER D 194 -14.95 -7.99 -0.74
N ASN D 195 -15.97 -7.85 0.11
CA ASN D 195 -17.20 -8.62 -0.08
C ASN D 195 -18.22 -7.86 -0.93
N PHE D 196 -18.11 -8.05 -2.25
CA PHE D 196 -19.22 -7.66 -3.12
C PHE D 196 -20.45 -8.53 -2.84
N ALA D 197 -20.22 -9.79 -2.46
CA ALA D 197 -21.31 -10.66 -2.05
C ALA D 197 -22.07 -9.97 -0.93
N ASN D 198 -23.39 -9.87 -1.10
CA ASN D 198 -24.20 -9.03 -0.24
C ASN D 198 -23.60 -7.63 -0.32
N PRO D 199 -23.75 -6.92 -1.45
CA PRO D 199 -23.14 -5.59 -1.58
C PRO D 199 -23.77 -4.65 -0.57
N TYR D 200 -24.67 -5.21 0.22
CA TYR D 200 -25.28 -4.55 1.35
C TYR D 200 -24.72 -5.05 2.67
N THR D 201 -23.64 -5.83 2.64
CA THR D 201 -22.95 -6.27 3.85
C THR D 201 -21.45 -6.25 3.58
N VAL D 202 -20.69 -5.63 4.47
CA VAL D 202 -19.24 -5.64 4.40
C VAL D 202 -18.68 -5.90 5.78
N SER D 203 -17.49 -6.50 5.80
CA SER D 203 -16.76 -6.77 7.03
C SER D 203 -15.68 -5.71 7.22
N ILE D 204 -14.77 -5.96 8.16
CA ILE D 204 -13.66 -5.05 8.40
C ILE D 204 -12.56 -5.85 9.08
N THR D 205 -11.31 -5.44 8.88
CA THR D 205 -10.19 -6.07 9.55
C THR D 205 -9.39 -5.03 10.34
N SER D 206 -8.68 -5.50 11.36
CA SER D 206 -7.85 -4.67 12.21
C SER D 206 -6.55 -5.39 12.52
N PRO D 207 -5.41 -4.85 12.10
CA PRO D 207 -4.13 -5.42 12.54
C PRO D 207 -3.96 -5.41 14.05
N GLU D 208 -4.56 -4.45 14.73
CA GLU D 208 -4.48 -4.36 16.18
C GLU D 208 -5.40 -5.39 16.83
N LYS D 209 -5.23 -5.55 18.15
CA LYS D 209 -6.03 -6.52 18.89
C LYS D 209 -7.49 -6.10 18.95
N ILE D 210 -7.77 -4.98 19.60
CA ILE D 210 -9.12 -4.45 19.71
C ILE D 210 -9.21 -3.15 18.93
N MET D 211 -10.40 -2.89 18.40
CA MET D 211 -10.61 -1.74 17.53
C MET D 211 -12.01 -1.20 17.76
N GLY D 212 -12.24 0.01 17.27
CA GLY D 212 -13.56 0.60 17.34
C GLY D 212 -14.08 1.10 16.01
N TYR D 213 -15.25 0.63 15.60
CA TYR D 213 -15.92 1.12 14.41
C TYR D 213 -17.30 1.64 14.77
N LEU D 214 -17.77 2.62 14.01
CA LEU D 214 -19.12 3.14 14.22
C LEU D 214 -19.56 3.93 12.98
N ILE D 215 -20.84 3.82 12.67
CA ILE D 215 -21.47 4.52 11.56
C ILE D 215 -22.31 5.67 12.13
N LYS D 216 -21.94 6.91 11.80
CA LYS D 216 -22.66 8.06 12.31
C LYS D 216 -22.95 9.07 11.20
N LYS D 217 -24.15 9.64 11.25
CA LYS D 217 -24.41 10.83 10.46
C LYS D 217 -23.79 12.04 11.15
N PRO D 218 -23.30 13.00 10.37
CA PRO D 218 -22.63 14.17 10.97
C PRO D 218 -23.58 14.93 11.89
N GLY D 219 -23.10 15.18 13.12
CA GLY D 219 -23.81 15.97 14.10
C GLY D 219 -24.56 15.18 15.14
N GLU D 220 -24.98 13.96 14.81
CA GLU D 220 -25.72 13.12 15.76
C GLU D 220 -24.88 12.80 16.99
N ASN D 221 -25.25 13.35 18.13
CA ASN D 221 -24.55 13.04 19.37
C ASN D 221 -24.64 11.55 19.64
N VAL D 222 -23.48 10.89 19.60
CA VAL D 222 -23.42 9.43 19.61
C VAL D 222 -22.53 8.98 20.76
N GLU D 223 -23.12 8.31 21.74
CA GLU D 223 -22.40 7.77 22.88
C GLU D 223 -22.83 6.33 23.12
N HIS D 224 -21.85 5.47 23.41
CA HIS D 224 -22.04 4.06 23.70
C HIS D 224 -22.57 3.26 22.51
N LYS D 225 -22.62 3.86 21.32
CA LYS D 225 -22.97 3.12 20.12
C LYS D 225 -21.78 2.48 19.44
N VAL D 226 -20.56 2.78 19.91
CA VAL D 226 -19.36 2.16 19.34
C VAL D 226 -19.42 0.66 19.54
N ILE D 227 -18.97 -0.08 18.54
CA ILE D 227 -18.94 -1.54 18.59
C ILE D 227 -17.50 -1.99 18.81
N SER D 228 -17.31 -2.86 19.80
CA SER D 228 -16.00 -3.45 20.04
C SER D 228 -15.64 -4.36 18.87
N PHE D 229 -14.50 -4.10 18.25
CA PHE D 229 -14.05 -4.81 17.06
C PHE D 229 -12.99 -5.83 17.46
N SER D 230 -13.24 -7.10 17.14
CA SER D 230 -12.38 -8.20 17.54
C SER D 230 -11.28 -8.52 16.54
N GLY D 231 -11.09 -7.69 15.53
CA GLY D 231 -10.07 -7.95 14.52
C GLY D 231 -10.65 -8.31 13.17
N SER D 232 -11.76 -9.04 13.17
CA SER D 232 -12.46 -9.37 11.92
C SER D 232 -13.93 -9.56 12.25
N ALA D 233 -14.77 -8.63 11.80
CA ALA D 233 -16.21 -8.67 12.04
C ALA D 233 -16.92 -8.14 10.81
N SER D 234 -18.16 -8.58 10.62
CA SER D 234 -18.96 -8.24 9.45
C SER D 234 -20.13 -7.34 9.82
N ILE D 235 -20.51 -6.46 8.90
CA ILE D 235 -21.59 -5.51 9.12
C ILE D 235 -22.52 -5.55 7.91
N THR D 236 -23.80 -5.82 8.17
CA THR D 236 -24.84 -5.64 7.16
C THR D 236 -25.39 -4.22 7.30
N PHE D 237 -25.53 -3.53 6.16
CA PHE D 237 -25.90 -2.12 6.20
C PHE D 237 -27.35 -1.96 6.68
N THR D 238 -27.77 -0.69 6.80
CA THR D 238 -28.98 -0.34 7.54
C THR D 238 -30.02 0.30 6.62
N GLU D 239 -31.30 0.02 6.92
CA GLU D 239 -32.38 0.68 6.21
C GLU D 239 -32.33 2.18 6.42
N GLU D 240 -32.17 2.62 7.67
CA GLU D 240 -31.88 4.03 7.90
C GLU D 240 -30.67 4.45 7.08
N MET D 241 -29.61 3.63 7.07
CA MET D 241 -28.44 3.91 6.24
C MET D 241 -28.82 3.84 4.76
N LEU D 242 -27.80 3.97 3.91
CA LEU D 242 -27.91 4.18 2.46
C LEU D 242 -28.48 5.56 2.18
N ASP D 243 -29.07 6.18 3.21
CA ASP D 243 -29.25 7.62 3.25
C ASP D 243 -27.93 8.31 2.94
N GLY D 244 -27.89 9.08 1.86
CA GLY D 244 -26.64 9.72 1.47
C GLY D 244 -25.86 10.34 2.61
N GLU D 245 -26.56 10.75 3.66
CA GLU D 245 -25.97 11.56 4.72
C GLU D 245 -24.96 10.80 5.57
N HIS D 246 -25.36 9.64 6.12
CA HIS D 246 -24.55 8.99 7.15
C HIS D 246 -23.18 8.58 6.61
N ASN D 247 -22.28 8.24 7.53
CA ASN D 247 -20.88 7.97 7.22
C ASN D 247 -20.34 6.88 8.13
N LEU D 248 -19.42 6.08 7.59
CA LEU D 248 -18.79 5.00 8.34
C LEU D 248 -17.44 5.45 8.87
N LEU D 249 -17.13 5.05 10.10
CA LEU D 249 -15.86 5.36 10.75
C LEU D 249 -15.32 4.11 11.42
N CYS D 250 -14.12 3.71 11.04
CA CYS D 250 -13.41 2.58 11.66
C CYS D 250 -12.02 3.09 12.01
N GLY D 251 -11.89 3.68 13.19
CA GLY D 251 -10.61 4.20 13.63
C GLY D 251 -10.15 5.41 12.86
N ASP D 252 -8.99 5.30 12.21
CA ASP D 252 -8.38 6.45 11.56
C ASP D 252 -9.02 6.77 10.20
N LYS D 253 -9.58 5.77 9.52
CA LYS D 253 -10.14 5.96 8.20
C LYS D 253 -11.67 6.05 8.26
N SER D 254 -12.22 6.93 7.43
CA SER D 254 -13.67 7.09 7.30
C SER D 254 -14.03 7.16 5.83
N ALA D 255 -15.09 6.46 5.45
CA ALA D 255 -15.62 6.47 4.10
C ALA D 255 -17.08 6.90 4.12
N LYS D 256 -17.57 7.31 2.95
CA LYS D 256 -18.94 7.77 2.80
C LYS D 256 -19.82 6.65 2.27
N ILE D 257 -21.02 6.53 2.81
CA ILE D 257 -22.02 5.58 2.31
C ILE D 257 -22.96 6.35 1.39
N PRO D 258 -23.19 5.88 0.15
CA PRO D 258 -23.92 6.70 -0.83
C PRO D 258 -25.43 6.49 -0.85
N LYS D 259 -26.10 7.26 -1.70
CA LYS D 259 -27.52 7.07 -1.95
C LYS D 259 -27.68 6.06 -3.10
N THR D 260 -28.21 4.89 -2.79
CA THR D 260 -28.47 3.92 -3.84
C THR D 260 -29.96 3.56 -3.87
N ASN D 261 -30.37 2.97 -4.99
CA ASN D 261 -31.78 2.85 -5.35
C ASN D 261 -32.49 1.88 -4.43
N LYS D 262 -33.41 2.40 -3.61
CA LYS D 262 -34.18 1.56 -2.70
C LYS D 262 -34.92 0.48 -3.49
N ARG D 263 -35.41 0.84 -4.67
CA ARG D 263 -36.13 -0.09 -5.55
C ARG D 263 -35.32 -1.36 -5.67
N VAL D 264 -34.06 -1.19 -6.10
CA VAL D 264 -33.13 -2.30 -6.24
C VAL D 264 -33.04 -3.01 -4.91
N ARG D 265 -32.77 -2.25 -3.83
CA ARG D 265 -32.61 -2.86 -2.51
C ARG D 265 -33.83 -3.69 -2.15
N ASP D 266 -35.02 -3.16 -2.43
CA ASP D 266 -36.25 -3.73 -1.88
C ASP D 266 -36.43 -5.18 -2.30
N CYS D 267 -36.22 -5.47 -3.58
CA CYS D 267 -36.48 -6.83 -4.05
C CYS D 267 -35.53 -7.83 -3.42
N ILE D 268 -34.24 -7.45 -3.33
CA ILE D 268 -33.20 -8.39 -2.88
C ILE D 268 -33.58 -8.92 -1.51
N ILE D 269 -34.43 -8.19 -0.80
CA ILE D 269 -34.97 -8.66 0.47
C ILE D 269 -35.67 -10.00 0.24
#